data_7P0K
#
_entry.id   7P0K
#
_cell.length_a   61.570
_cell.length_b   87.149
_cell.length_c   145.361
_cell.angle_alpha   90.000
_cell.angle_beta   90.000
_cell.angle_gamma   90.000
#
_symmetry.space_group_name_H-M   'P 21 21 21'
#
loop_
_entity.id
_entity.type
_entity.pdbx_description
1 polymer 'Isoform 2 of Ectonucleotide pyrophosphatase/phosphodiesterase family member 2'
2 branched alpha-D-mannopyranose-(1-2)-alpha-D-mannopyranose-(1-3)-[alpha-D-mannopyranose-(1-6)]alpha-D-mannopyranose-(1-6)-[alpha-D-mannopyranose-(1-3)]beta-D-mannopyranose-(1-4)-2-acetamido-2-deoxy-beta-D-glucopyranose
3 non-polymer 2-acetamido-2-deoxy-beta-D-glucopyranose
4 non-polymer 'THIOCYANATE ION'
5 non-polymer 'ZINC ION'
6 non-polymer 'CALCIUM ION'
7 non-polymer 'IODIDE ION'
8 non-polymer 2-[[2-ethyl-6-[4-[2-[(3~{R})-3-fluoranylpyrrolidin-1-yl]-2-oxidanylidene-ethyl]piperazin-1-yl]imidazo[1,2-a]pyridin-3-yl]-methyl-amino]-4-(4-fluorophenyl)-2,3-dihydro-1,3-thiazole-5-carbonitrile
9 water water
#
_entity_poly.entity_id   1
_entity_poly.type   'polypeptide(L)'
_entity_poly.pdbx_seq_one_letter_code
;GSCKGRCFELQEVGPPDCRCDNLCKSYSSCCHDFDELCLKTARGWECTKDRCGEVRNEENACHCSEDCLSRGDCCTNYQV
VCKGESHWVDDDCEEIKVPECPAGFVRPPLIIFSVDGFRASYMKKGSKVMPNIEKLRSCGTHAPYMRPVYPTKTFPNLYT
LATGLYPESHGIVGNSMYDPVFDASFHLRGREKFNHRWWGGQPLWITATKQGVRAGTFFWSVSIPHERRILTILQWLSLP
DNERPSVYAFYSEQPDFSGHKYGPFGPEMTNPLREIDKTVGQLMDGLKQLRLHRCVNVIFVGDHGMEDVTCDRTEFLSNY
LTNVDDITLVPGTLGRIRAKSIYDPKTIIAALTCKKPDQHFKPYMKQHLPKRLHYANNRRIEDIHLLVDRRWHVARKPCF
FQGDHGFDNKVNSMQTVFVGYGPTFKYRTKVPPFENIELYNVMCDLLGLKPAPNNGTHGSLNHLLRTNTFRPTMPDEVSR
PNYPIMYLQSEFDLGCTCDGSTKERHLLYGRPAVLYRTSYDILYHTDFESGYSEIFLMPLWTSYTISKQAEVSSIPEHLT
NCVRPDVRVSPGFSQNCLAYKNDKQMSYGFLFPPYLSSSPEAKYDAFLVTNMVPMYPAFKRVWAYFQRVLVKKYASERNG
VNVISGPIFDYNYDGLRDTEDEIKQYVEGSSIPVPTHYYSIITSCLDFTQPADKCDGPLSVSSFILPHRPDNDESCNSSE
DESKWVEELMKMHTARVRDIEHLTGLDFYRKTSRSYSEILTLKTYLHTYE
;
_entity_poly.pdbx_strand_id   AAA
#
# COMPACT_ATOMS: atom_id res chain seq x y z
N GLY A 1 44.29 11.68 -2.27
CA GLY A 1 43.71 11.76 -3.65
C GLY A 1 42.81 12.98 -3.81
N SER A 2 42.52 13.35 -5.06
CA SER A 2 41.79 14.58 -5.46
C SER A 2 40.50 14.20 -6.19
N CYS A 3 39.55 15.14 -6.26
CA CYS A 3 38.22 14.98 -6.91
C CYS A 3 38.17 15.64 -8.29
N LYS A 4 39.28 16.26 -8.72
CA LYS A 4 39.36 16.90 -10.06
C LYS A 4 38.94 15.88 -11.12
N GLY A 5 37.90 16.20 -11.89
CA GLY A 5 37.37 15.37 -13.00
C GLY A 5 36.73 14.09 -12.50
N ARG A 6 36.35 14.01 -11.22
CA ARG A 6 35.78 12.79 -10.57
C ARG A 6 34.53 13.15 -9.74
N CYS A 7 34.02 14.39 -9.84
CA CYS A 7 32.91 14.90 -9.00
C CYS A 7 31.67 14.03 -9.21
N PHE A 8 31.06 13.56 -8.12
CA PHE A 8 29.84 12.72 -8.12
C PHE A 8 30.05 11.51 -9.04
N GLU A 9 31.25 10.92 -9.01
CA GLU A 9 31.62 9.70 -9.79
C GLU A 9 30.57 8.62 -9.56
N LEU A 10 30.22 7.89 -10.62
CA LEU A 10 29.19 6.81 -10.61
C LEU A 10 29.85 5.48 -10.22
N GLN A 11 30.96 5.14 -10.91
CA GLN A 11 31.85 3.98 -10.60
C GLN A 11 32.43 4.16 -9.19
N GLU A 12 32.64 3.05 -8.45
CA GLU A 12 32.94 3.05 -6.99
C GLU A 12 34.42 2.78 -6.75
N VAL A 13 34.92 3.17 -5.56
CA VAL A 13 36.32 2.93 -5.07
C VAL A 13 36.39 3.26 -3.57
N GLY A 14 37.31 2.60 -2.85
CA GLY A 14 37.52 2.73 -1.40
C GLY A 14 39.00 2.87 -1.04
N PRO A 15 39.37 2.82 0.27
CA PRO A 15 40.76 3.03 0.70
C PRO A 15 41.76 2.16 -0.06
N PRO A 16 42.98 2.66 -0.41
CA PRO A 16 43.50 3.93 0.10
C PRO A 16 43.11 5.19 -0.71
N ASP A 17 42.08 5.08 -1.56
CA ASP A 17 41.61 6.20 -2.43
C ASP A 17 40.37 6.84 -1.79
N CYS A 18 40.43 8.14 -1.49
CA CYS A 18 39.28 8.94 -0.97
C CYS A 18 38.22 9.07 -2.06
N ARG A 19 36.95 9.23 -1.65
CA ARG A 19 35.77 9.14 -2.55
C ARG A 19 35.28 10.56 -2.89
N CYS A 20 34.65 10.71 -4.05
CA CYS A 20 33.95 11.95 -4.49
C CYS A 20 32.50 11.61 -4.86
N ASP A 21 31.97 10.50 -4.34
CA ASP A 21 30.63 10.01 -4.71
C ASP A 21 29.58 10.74 -3.84
N ASN A 22 28.31 10.39 -4.02
CA ASN A 22 27.16 11.23 -3.61
C ASN A 22 26.88 11.05 -2.12
N LEU A 23 27.57 10.12 -1.46
CA LEU A 23 27.42 9.81 -0.01
C LEU A 23 28.78 9.78 0.69
N CYS A 24 29.83 10.36 0.09
CA CYS A 24 31.19 10.32 0.68
C CYS A 24 31.19 11.06 2.03
N LYS A 25 30.33 12.08 2.19
CA LYS A 25 30.30 12.96 3.39
C LYS A 25 29.62 12.25 4.56
N SER A 26 28.65 11.39 4.26
CA SER A 26 27.84 10.65 5.27
C SER A 26 28.65 9.46 5.82
N TYR A 27 29.64 8.96 5.07
CA TYR A 27 30.66 7.98 5.56
C TYR A 27 31.90 8.76 6.04
N SER A 28 31.99 10.05 5.68
CA SER A 28 33.09 10.99 6.03
C SER A 28 34.42 10.52 5.40
N SER A 29 34.37 10.04 4.16
CA SER A 29 35.52 9.48 3.41
C SER A 29 35.82 10.35 2.17
N CYS A 30 35.28 11.57 2.12
CA CYS A 30 35.48 12.53 0.98
C CYS A 30 36.93 13.03 0.97
N CYS A 31 37.48 13.28 -0.23
CA CYS A 31 38.77 13.97 -0.43
C CYS A 31 38.64 15.42 0.07
N HIS A 32 39.63 15.91 0.82
CA HIS A 32 39.70 17.31 1.32
C HIS A 32 38.99 18.24 0.31
N ASP A 33 39.34 18.14 -0.97
CA ASP A 33 38.98 19.14 -2.02
C ASP A 33 37.59 18.84 -2.62
N PHE A 34 36.78 17.99 -1.99
CA PHE A 34 35.43 17.64 -2.50
C PHE A 34 34.54 18.91 -2.51
N ASP A 35 34.39 19.56 -1.36
CA ASP A 35 33.52 20.76 -1.21
C ASP A 35 33.87 21.79 -2.29
N GLU A 36 35.15 22.22 -2.35
CA GLU A 36 35.58 23.36 -3.20
C GLU A 36 35.40 23.00 -4.68
N LEU A 37 35.60 21.74 -5.07
CA LEU A 37 35.55 21.29 -6.49
C LEU A 37 34.11 20.92 -6.87
N CYS A 38 33.40 20.15 -6.05
CA CYS A 38 32.09 19.54 -6.42
C CYS A 38 30.90 20.36 -5.86
N LEU A 39 31.09 21.12 -4.77
CA LEU A 39 29.96 21.85 -4.11
C LEU A 39 30.18 23.37 -4.25
N LYS A 40 30.50 23.84 -5.45
CA LYS A 40 30.72 25.28 -5.73
C LYS A 40 29.40 26.04 -5.55
N THR A 41 29.43 27.19 -4.88
CA THR A 41 28.23 28.01 -4.56
C THR A 41 28.36 29.44 -5.10
N ALA A 42 29.54 29.83 -5.61
CA ALA A 42 29.88 31.22 -6.05
C ALA A 42 28.83 31.72 -7.07
N ARG A 43 28.26 32.89 -6.77
CA ARG A 43 27.35 33.68 -7.66
C ARG A 43 25.98 32.99 -7.83
N GLY A 44 25.72 31.91 -7.08
CA GLY A 44 24.38 31.31 -6.95
C GLY A 44 24.01 30.45 -8.15
N TRP A 45 22.71 30.29 -8.40
CA TRP A 45 22.18 29.26 -9.32
C TRP A 45 21.40 29.89 -10.48
N GLU A 46 21.41 31.21 -10.58
CA GLU A 46 20.66 31.97 -11.61
C GLU A 46 21.62 32.89 -12.36
N CYS A 47 21.64 32.77 -13.69
CA CYS A 47 22.23 33.78 -14.61
C CYS A 47 21.50 35.11 -14.41
N THR A 48 22.24 36.21 -14.51
CA THR A 48 21.73 37.61 -14.62
C THR A 48 22.22 38.20 -15.94
N LYS A 49 21.55 39.24 -16.46
CA LYS A 49 21.81 39.82 -17.80
C LYS A 49 23.27 40.25 -17.94
N ASP A 50 23.92 40.66 -16.84
CA ASP A 50 25.33 41.13 -16.81
C ASP A 50 26.32 39.96 -16.66
N ARG A 51 25.82 38.71 -16.63
CA ARG A 51 26.67 37.49 -16.61
C ARG A 51 26.71 36.87 -18.01
N CYS A 52 25.74 37.17 -18.86
CA CYS A 52 25.61 36.59 -20.22
C CYS A 52 26.91 36.88 -20.98
N GLY A 53 27.51 35.85 -21.56
CA GLY A 53 28.77 35.95 -22.33
C GLY A 53 29.95 36.32 -21.43
N GLU A 54 29.91 35.94 -20.16
CA GLU A 54 31.03 36.10 -19.19
C GLU A 54 32.19 35.19 -19.62
N VAL A 55 33.40 35.47 -19.12
CA VAL A 55 34.58 34.57 -19.17
C VAL A 55 34.27 33.35 -18.30
N ARG A 56 34.55 32.13 -18.76
CA ARG A 56 34.34 30.90 -17.94
C ARG A 56 35.23 31.00 -16.70
N ASN A 57 34.61 31.23 -15.54
CA ASN A 57 35.27 31.20 -14.22
C ASN A 57 34.99 29.83 -13.59
N GLU A 58 36.05 29.04 -13.37
CA GLU A 58 35.99 27.71 -12.69
C GLU A 58 35.24 27.80 -11.35
N GLU A 59 35.39 28.92 -10.62
CA GLU A 59 34.90 29.08 -9.21
C GLU A 59 33.37 29.02 -9.16
N ASN A 60 32.68 29.43 -10.24
CA ASN A 60 31.20 29.58 -10.30
C ASN A 60 30.50 28.23 -10.12
N ALA A 61 29.33 28.27 -9.47
CA ALA A 61 28.45 27.11 -9.18
C ALA A 61 27.85 26.60 -10.49
N CYS A 62 27.43 27.53 -11.36
CA CYS A 62 26.97 27.28 -12.74
C CYS A 62 27.41 28.46 -13.61
N HIS A 63 27.38 28.27 -14.93
CA HIS A 63 28.08 29.16 -15.90
C HIS A 63 27.07 29.82 -16.84
N CYS A 64 27.30 31.09 -17.16
CA CYS A 64 26.50 31.83 -18.16
C CYS A 64 27.39 32.16 -19.35
N SER A 65 28.57 31.52 -19.44
CA SER A 65 29.54 31.67 -20.55
C SER A 65 29.00 30.97 -21.81
N GLU A 66 29.46 31.42 -22.98
CA GLU A 66 29.04 30.94 -24.33
C GLU A 66 29.12 29.41 -24.37
N ASP A 67 30.18 28.84 -23.80
CA ASP A 67 30.55 27.39 -23.95
C ASP A 67 29.79 26.50 -22.96
N CYS A 68 28.93 27.05 -22.10
CA CYS A 68 28.25 26.27 -21.02
C CYS A 68 27.32 25.22 -21.65
N LEU A 69 26.75 25.51 -22.83
CA LEU A 69 25.81 24.61 -23.52
C LEU A 69 26.54 23.35 -23.97
N SER A 70 27.71 23.52 -24.60
CA SER A 70 28.59 22.41 -25.03
C SER A 70 29.09 21.66 -23.79
N ARG A 71 29.61 22.39 -22.80
CA ARG A 71 30.17 21.83 -21.55
C ARG A 71 29.07 21.18 -20.73
N GLY A 72 27.81 21.55 -20.96
CA GLY A 72 26.64 20.99 -20.25
C GLY A 72 26.64 21.35 -18.78
N ASP A 73 27.01 22.59 -18.43
CA ASP A 73 27.05 23.06 -17.01
C ASP A 73 26.49 24.49 -16.89
N CYS A 74 25.57 24.90 -17.77
CA CYS A 74 24.83 26.19 -17.67
C CYS A 74 23.95 26.20 -16.40
N CYS A 75 23.77 27.38 -15.79
CA CYS A 75 22.62 27.67 -14.89
C CYS A 75 21.33 27.35 -15.69
N THR A 76 20.29 26.86 -15.01
CA THR A 76 19.05 26.35 -15.65
C THR A 76 18.30 27.49 -16.36
N ASN A 77 18.53 28.76 -16.00
CA ASN A 77 17.79 29.93 -16.59
C ASN A 77 18.61 30.61 -17.69
N TYR A 78 19.75 30.04 -18.09
CA TYR A 78 20.73 30.70 -19.02
C TYR A 78 20.04 31.17 -20.30
N GLN A 79 19.25 30.30 -20.94
CA GLN A 79 18.58 30.59 -22.23
C GLN A 79 17.45 31.59 -22.02
N VAL A 80 16.83 31.63 -20.84
CA VAL A 80 15.74 32.60 -20.54
C VAL A 80 16.33 34.02 -20.50
N VAL A 81 17.41 34.21 -19.74
CA VAL A 81 18.01 35.54 -19.44
C VAL A 81 18.86 36.01 -20.63
N CYS A 82 19.63 35.09 -21.24
CA CYS A 82 20.71 35.39 -22.21
C CYS A 82 20.32 35.06 -23.65
N LYS A 83 19.31 34.21 -23.90
CA LYS A 83 18.90 33.88 -25.30
C LYS A 83 17.47 34.36 -25.54
N GLY A 84 16.87 35.01 -24.55
CA GLY A 84 15.48 35.54 -24.60
C GLY A 84 14.47 34.43 -24.83
N GLU A 85 14.76 33.21 -24.35
CA GLU A 85 13.82 32.06 -24.43
C GLU A 85 12.85 32.13 -23.26
N SER A 86 11.80 31.32 -23.30
CA SER A 86 10.72 31.30 -22.28
C SER A 86 11.02 30.20 -21.25
N HIS A 87 10.58 30.39 -20.01
CA HIS A 87 10.54 29.33 -18.98
C HIS A 87 9.67 28.19 -19.53
N TRP A 88 10.09 26.95 -19.32
CA TRP A 88 9.28 25.75 -19.66
C TRP A 88 7.81 25.99 -19.25
N VAL A 89 7.60 26.46 -18.02
CA VAL A 89 6.25 26.65 -17.41
C VAL A 89 5.42 27.61 -18.25
N ASP A 90 6.03 28.53 -18.99
CA ASP A 90 5.33 29.56 -19.81
C ASP A 90 4.88 28.96 -21.13
N ASP A 91 5.44 27.80 -21.54
CA ASP A 91 5.17 27.14 -22.85
C ASP A 91 3.83 26.39 -22.78
N ASP A 92 2.98 26.54 -23.81
CA ASP A 92 1.66 25.89 -23.90
C ASP A 92 1.82 24.38 -23.76
N CYS A 93 0.82 23.73 -23.17
CA CYS A 93 0.70 22.26 -23.05
C CYS A 93 0.67 21.61 -24.44
N GLU A 94 1.56 20.64 -24.68
CA GLU A 94 1.67 19.96 -25.99
C GLU A 94 1.95 18.47 -25.75
N GLU A 95 1.17 17.61 -26.41
CA GLU A 95 1.24 16.13 -26.24
C GLU A 95 2.61 15.62 -26.65
N ILE A 96 3.18 14.68 -25.89
CA ILE A 96 4.43 13.96 -26.23
C ILE A 96 4.06 12.51 -26.60
N LYS A 97 3.89 12.26 -27.90
CA LYS A 97 3.38 10.98 -28.46
C LYS A 97 4.50 9.93 -28.42
N VAL A 98 5.74 10.32 -28.69
CA VAL A 98 6.92 9.40 -28.77
C VAL A 98 8.11 10.07 -28.12
N PRO A 99 9.10 9.32 -27.57
CA PRO A 99 10.32 9.93 -27.06
C PRO A 99 11.05 10.73 -28.14
N GLU A 100 11.30 12.01 -27.87
CA GLU A 100 12.11 12.91 -28.74
C GLU A 100 13.47 13.09 -28.08
N CYS A 101 14.37 12.11 -28.26
CA CYS A 101 15.71 12.02 -27.62
C CYS A 101 16.81 12.11 -28.67
N PRO A 102 18.01 12.62 -28.34
CA PRO A 102 19.16 12.57 -29.23
C PRO A 102 19.50 11.14 -29.69
N ALA A 103 20.30 11.03 -30.74
CA ALA A 103 20.57 9.79 -31.49
C ALA A 103 21.12 8.72 -30.54
N GLY A 104 22.07 9.09 -29.66
CA GLY A 104 22.80 8.17 -28.77
C GLY A 104 21.96 7.56 -27.65
N PHE A 105 20.71 8.01 -27.44
CA PHE A 105 19.83 7.49 -26.35
C PHE A 105 19.24 6.15 -26.78
N VAL A 106 19.29 5.15 -25.89
CA VAL A 106 18.80 3.76 -26.13
C VAL A 106 17.40 3.63 -25.51
N ARG A 107 17.03 4.55 -24.63
CA ARG A 107 15.69 4.57 -23.98
C ARG A 107 15.46 5.97 -23.40
N PRO A 108 14.19 6.39 -23.16
CA PRO A 108 13.93 7.64 -22.46
C PRO A 108 14.42 7.52 -21.02
N PRO A 109 15.16 8.49 -20.48
CA PRO A 109 15.57 8.45 -19.08
C PRO A 109 14.38 8.66 -18.16
N LEU A 110 14.53 8.26 -16.90
CA LEU A 110 13.51 8.43 -15.83
C LEU A 110 14.10 9.30 -14.72
N ILE A 111 13.40 10.37 -14.35
CA ILE A 111 13.72 11.30 -13.24
C ILE A 111 12.61 11.19 -12.20
N ILE A 112 12.92 10.61 -11.04
CA ILE A 112 11.99 10.49 -9.88
C ILE A 112 12.25 11.67 -8.94
N PHE A 113 11.37 12.65 -8.97
CA PHE A 113 11.38 13.86 -8.11
C PHE A 113 10.51 13.57 -6.89
N SER A 114 11.13 13.08 -5.82
CA SER A 114 10.41 12.70 -4.57
C SER A 114 10.40 13.89 -3.63
N VAL A 115 9.21 14.27 -3.13
CA VAL A 115 9.01 15.38 -2.15
C VAL A 115 8.58 14.77 -0.81
N ASP A 116 9.11 15.33 0.27
CA ASP A 116 8.84 14.87 1.66
C ASP A 116 7.61 15.61 2.18
N GLY A 117 6.61 14.86 2.64
CA GLY A 117 5.50 15.41 3.44
C GLY A 117 4.57 16.23 2.58
N PHE A 118 4.53 15.96 1.28
CA PHE A 118 3.62 16.62 0.31
C PHE A 118 2.24 15.94 0.35
N ARG A 119 1.37 16.48 1.20
CA ARG A 119 -0.06 16.12 1.30
C ARG A 119 -0.76 16.35 -0.04
N ALA A 120 -1.60 15.40 -0.46
CA ALA A 120 -2.38 15.44 -1.72
C ALA A 120 -3.15 16.76 -1.87
N SER A 121 -3.63 17.35 -0.77
CA SER A 121 -4.51 18.55 -0.75
C SER A 121 -3.74 19.85 -1.06
N TYR A 122 -2.40 19.87 -1.03
CA TYR A 122 -1.60 21.07 -1.39
C TYR A 122 -1.86 21.45 -2.87
N MET A 123 -2.18 20.46 -3.71
CA MET A 123 -2.41 20.64 -5.18
C MET A 123 -3.59 21.56 -5.44
N LYS A 124 -4.53 21.70 -4.50
CA LYS A 124 -5.75 22.54 -4.65
C LYS A 124 -5.37 24.01 -4.73
N LYS A 125 -4.17 24.39 -4.24
CA LYS A 125 -3.61 25.77 -4.30
C LYS A 125 -3.34 26.18 -5.76
N GLY A 126 -3.01 25.21 -6.62
CA GLY A 126 -2.99 25.36 -8.09
C GLY A 126 -1.83 26.22 -8.56
N SER A 127 -1.90 26.65 -9.83
CA SER A 127 -0.83 27.39 -10.57
C SER A 127 -0.53 28.73 -9.90
N LYS A 128 -1.47 29.24 -9.09
CA LYS A 128 -1.26 30.46 -8.28
C LYS A 128 0.03 30.28 -7.49
N VAL A 129 0.21 29.12 -6.85
CA VAL A 129 1.32 28.86 -5.87
C VAL A 129 2.39 27.97 -6.51
N MET A 130 2.03 27.03 -7.39
CA MET A 130 2.96 26.02 -7.97
C MET A 130 2.69 25.85 -9.46
N PRO A 131 3.00 26.88 -10.29
CA PRO A 131 2.64 26.81 -11.70
C PRO A 131 3.33 25.64 -12.45
N ASN A 132 4.58 25.33 -12.10
CA ASN A 132 5.35 24.23 -12.75
C ASN A 132 4.69 22.88 -12.47
N ILE A 133 4.48 22.57 -11.19
CA ILE A 133 3.86 21.29 -10.75
C ILE A 133 2.46 21.17 -11.37
N GLU A 134 1.73 22.28 -11.40
CA GLU A 134 0.37 22.38 -11.99
C GLU A 134 0.41 22.03 -13.48
N LYS A 135 1.48 22.42 -14.19
CA LYS A 135 1.63 22.10 -15.62
C LYS A 135 1.90 20.61 -15.75
N LEU A 136 2.80 20.06 -14.94
CA LEU A 136 3.08 18.60 -14.91
C LEU A 136 1.75 17.88 -14.72
N ARG A 137 0.99 18.25 -13.68
CA ARG A 137 -0.28 17.61 -13.25
C ARG A 137 -1.32 17.68 -14.37
N SER A 138 -1.61 18.88 -14.88
CA SER A 138 -2.68 19.13 -15.89
C SER A 138 -2.32 18.50 -17.24
N CYS A 139 -1.03 18.51 -17.62
CA CYS A 139 -0.56 18.03 -18.95
C CYS A 139 -0.30 16.52 -18.94
N GLY A 140 0.17 15.98 -17.82
CA GLY A 140 0.58 14.57 -17.72
C GLY A 140 -0.52 13.69 -17.16
N THR A 141 -0.11 12.62 -16.50
CA THR A 141 -0.99 11.64 -15.82
C THR A 141 -0.89 11.92 -14.32
N HIS A 142 -2.03 12.08 -13.65
CA HIS A 142 -2.06 12.31 -12.19
C HIS A 142 -3.22 11.53 -11.59
N ALA A 143 -3.07 11.14 -10.33
CA ALA A 143 -4.17 10.69 -9.47
C ALA A 143 -4.54 11.86 -8.56
N PRO A 144 -5.79 11.92 -8.05
CA PRO A 144 -6.16 12.91 -7.03
C PRO A 144 -5.27 12.75 -5.80
N TYR A 145 -4.80 11.54 -5.54
CA TYR A 145 -3.83 11.22 -4.48
C TYR A 145 -3.23 9.84 -4.76
N MET A 146 -2.16 9.53 -4.02
CA MET A 146 -1.56 8.18 -3.91
C MET A 146 -1.58 7.79 -2.43
N ARG A 147 -1.82 6.50 -2.15
CA ARG A 147 -1.82 5.92 -0.79
C ARG A 147 -0.40 5.54 -0.41
N PRO A 148 0.13 6.09 0.69
CA PRO A 148 1.40 5.60 1.25
C PRO A 148 1.23 4.23 1.91
N VAL A 149 2.33 3.54 2.20
CA VAL A 149 2.37 2.35 3.09
C VAL A 149 2.41 2.85 4.54
N TYR A 150 1.98 1.99 5.47
CA TYR A 150 2.07 2.19 6.94
C TYR A 150 3.37 1.56 7.43
N PRO A 151 4.12 2.20 8.36
CA PRO A 151 3.78 3.51 8.90
C PRO A 151 4.06 4.61 7.88
N THR A 152 3.30 5.72 7.93
CA THR A 152 3.32 6.80 6.91
C THR A 152 4.45 7.77 7.28
N LYS A 153 5.68 7.24 7.31
CA LYS A 153 6.94 7.97 7.60
C LYS A 153 7.91 7.80 6.42
N THR A 154 8.98 8.57 6.45
CA THR A 154 9.89 8.82 5.31
C THR A 154 10.54 7.53 4.84
N PHE A 155 11.31 6.89 5.71
CA PHE A 155 12.18 5.75 5.32
C PHE A 155 11.33 4.61 4.77
N PRO A 156 10.31 4.11 5.49
CA PRO A 156 9.53 2.97 5.00
C PRO A 156 8.91 3.27 3.63
N ASN A 157 8.44 4.51 3.42
CA ASN A 157 7.71 4.91 2.19
C ASN A 157 8.68 5.10 1.02
N LEU A 158 9.85 5.70 1.27
CA LEU A 158 10.87 5.90 0.21
C LEU A 158 11.48 4.55 -0.18
N TYR A 159 11.69 3.62 0.76
CA TYR A 159 12.30 2.32 0.37
C TYR A 159 11.22 1.46 -0.31
N THR A 160 9.94 1.69 0.01
CA THR A 160 8.78 1.05 -0.67
C THR A 160 8.71 1.54 -2.12
N LEU A 161 8.88 2.85 -2.38
CA LEU A 161 8.88 3.39 -3.75
C LEU A 161 9.92 2.66 -4.57
N ALA A 162 11.06 2.36 -3.95
CA ALA A 162 12.29 1.88 -4.59
C ALA A 162 12.30 0.35 -4.74
N THR A 163 11.50 -0.40 -3.98
CA THR A 163 11.50 -1.89 -3.96
C THR A 163 10.13 -2.50 -4.32
N GLY A 164 9.04 -1.71 -4.27
CA GLY A 164 7.66 -2.17 -4.48
C GLY A 164 7.20 -3.13 -3.39
N LEU A 165 7.92 -3.21 -2.28
CA LEU A 165 7.67 -4.14 -1.16
C LEU A 165 7.01 -3.38 -0.01
N TYR A 166 6.16 -4.07 0.75
CA TYR A 166 5.70 -3.69 2.11
C TYR A 166 6.93 -3.62 3.01
N PRO A 167 7.02 -2.60 3.91
CA PRO A 167 8.10 -2.55 4.89
C PRO A 167 8.46 -3.89 5.54
N GLU A 168 7.45 -4.71 5.90
CA GLU A 168 7.65 -6.03 6.57
C GLU A 168 8.63 -6.88 5.76
N SER A 169 8.66 -6.70 4.43
CA SER A 169 9.49 -7.48 3.48
C SER A 169 10.84 -6.79 3.23
N HIS A 170 10.86 -5.50 2.88
CA HIS A 170 12.13 -4.76 2.56
C HIS A 170 12.90 -4.47 3.86
N GLY A 171 12.19 -4.32 4.97
CA GLY A 171 12.75 -4.43 6.33
C GLY A 171 12.97 -3.09 6.97
N ILE A 172 12.62 -2.02 6.26
CA ILE A 172 12.67 -0.63 6.80
C ILE A 172 11.27 -0.32 7.35
N VAL A 173 10.98 -0.85 8.53
CA VAL A 173 9.63 -0.90 9.18
C VAL A 173 9.37 0.42 9.93
N GLY A 174 10.39 1.28 10.10
CA GLY A 174 10.21 2.61 10.68
C GLY A 174 11.40 3.49 10.45
N ASN A 175 11.30 4.79 10.79
CA ASN A 175 12.44 5.72 10.84
C ASN A 175 13.36 5.26 11.97
N SER A 176 12.77 4.80 13.08
CA SER A 176 13.46 4.12 14.22
C SER A 176 13.04 2.66 14.30
N MET A 177 14.00 1.76 14.49
CA MET A 177 13.72 0.32 14.72
C MET A 177 14.92 -0.39 15.37
N TYR A 178 14.65 -1.54 16.00
CA TYR A 178 15.64 -2.37 16.73
C TYR A 178 15.61 -3.79 16.16
N ASP A 179 16.78 -4.30 15.76
CA ASP A 179 16.91 -5.69 15.28
C ASP A 179 17.47 -6.54 16.42
N PRO A 180 16.69 -7.49 16.99
CA PRO A 180 17.16 -8.32 18.10
C PRO A 180 18.27 -9.31 17.71
N VAL A 181 18.38 -9.66 16.42
CA VAL A 181 19.46 -10.54 15.88
C VAL A 181 20.79 -9.76 15.85
N PHE A 182 20.79 -8.57 15.22
CA PHE A 182 21.95 -7.67 15.11
C PHE A 182 22.29 -7.13 16.51
N ASP A 183 21.24 -6.91 17.31
CA ASP A 183 21.31 -6.27 18.64
C ASP A 183 21.91 -4.86 18.42
N ALA A 184 21.26 -4.10 17.55
CA ALA A 184 21.59 -2.70 17.19
C ALA A 184 20.30 -1.97 16.82
N SER A 185 20.37 -0.64 16.77
CA SER A 185 19.25 0.28 16.49
C SER A 185 19.53 1.10 15.23
N PHE A 186 18.54 1.16 14.34
CA PHE A 186 18.45 2.03 13.13
C PHE A 186 17.79 3.35 13.53
N HIS A 187 18.45 4.47 13.26
CA HIS A 187 17.99 5.82 13.66
C HIS A 187 17.95 6.78 12.45
N LEU A 188 17.07 7.76 12.51
CA LEU A 188 16.94 8.85 11.50
C LEU A 188 18.27 9.63 11.45
N ARG A 189 18.95 9.75 12.60
CA ARG A 189 20.29 10.39 12.73
C ARG A 189 21.32 9.33 13.14
N GLY A 190 22.50 9.34 12.53
CA GLY A 190 23.62 8.43 12.86
C GLY A 190 24.08 7.60 11.68
N ARG A 191 25.18 6.87 11.85
CA ARG A 191 25.92 6.11 10.80
C ARG A 191 25.28 4.75 10.55
N GLU A 192 24.49 4.23 11.50
CA GLU A 192 23.98 2.84 11.47
C GLU A 192 23.07 2.66 10.24
N LYS A 193 22.22 3.64 9.95
CA LYS A 193 21.24 3.56 8.83
C LYS A 193 21.93 3.38 7.47
N PHE A 194 23.24 3.61 7.35
CA PHE A 194 24.04 3.46 6.11
C PHE A 194 24.53 2.02 5.94
N ASN A 195 24.60 1.23 7.01
CA ASN A 195 24.98 -0.22 6.93
C ASN A 195 23.96 -0.94 6.03
N HIS A 196 24.46 -1.83 5.18
CA HIS A 196 23.70 -2.53 4.11
C HIS A 196 22.77 -3.58 4.69
N ARG A 197 23.11 -4.14 5.85
CA ARG A 197 22.41 -5.27 6.51
C ARG A 197 20.95 -4.93 6.82
N TRP A 198 20.59 -3.65 6.91
CA TRP A 198 19.22 -3.18 7.21
C TRP A 198 18.31 -3.30 5.98
N TRP A 199 18.88 -3.20 4.77
CA TRP A 199 18.14 -2.87 3.53
C TRP A 199 17.91 -4.11 2.68
N GLY A 200 16.69 -4.62 2.71
CA GLY A 200 16.34 -5.89 2.03
C GLY A 200 15.67 -5.65 0.70
N GLY A 201 15.12 -6.72 0.14
CA GLY A 201 14.54 -6.72 -1.22
C GLY A 201 15.58 -6.33 -2.25
N GLN A 202 15.14 -5.75 -3.36
CA GLN A 202 16.02 -5.30 -4.45
C GLN A 202 15.53 -3.94 -4.93
N PRO A 203 16.21 -2.85 -4.56
CA PRO A 203 15.77 -1.52 -4.98
C PRO A 203 16.06 -1.30 -6.48
N LEU A 204 15.34 -0.34 -7.06
CA LEU A 204 15.32 -0.05 -8.52
C LEU A 204 16.75 0.07 -9.05
N TRP A 205 17.62 0.77 -8.34
CA TRP A 205 19.01 1.06 -8.80
C TRP A 205 19.82 -0.24 -8.87
N ILE A 206 19.47 -1.24 -8.07
CA ILE A 206 20.10 -2.58 -8.11
C ILE A 206 19.48 -3.37 -9.27
N THR A 207 18.15 -3.35 -9.40
CA THR A 207 17.41 -3.98 -10.53
C THR A 207 18.02 -3.51 -11.87
N ALA A 208 18.25 -2.20 -12.00
CA ALA A 208 18.83 -1.57 -13.20
C ALA A 208 20.28 -2.06 -13.39
N THR A 209 21.11 -1.94 -12.35
CA THR A 209 22.55 -2.29 -12.41
C THR A 209 22.69 -3.72 -12.93
N LYS A 210 21.99 -4.68 -12.31
CA LYS A 210 22.10 -6.13 -12.60
C LYS A 210 21.65 -6.45 -14.04
N GLN A 211 20.77 -5.62 -14.62
CA GLN A 211 20.24 -5.78 -15.99
C GLN A 211 20.99 -4.83 -16.93
N GLY A 212 22.13 -4.30 -16.49
CA GLY A 212 23.09 -3.54 -17.31
C GLY A 212 22.66 -2.12 -17.57
N VAL A 213 21.67 -1.62 -16.84
CA VAL A 213 21.12 -0.23 -16.97
C VAL A 213 21.72 0.62 -15.84
N ARG A 214 22.42 1.69 -16.21
CA ARG A 214 23.17 2.57 -15.28
C ARG A 214 22.18 3.45 -14.49
N ALA A 215 22.38 3.53 -13.17
CA ALA A 215 21.51 4.29 -12.24
C ALA A 215 22.29 5.44 -11.58
N GLY A 216 21.73 6.66 -11.60
CA GLY A 216 22.15 7.78 -10.75
C GLY A 216 21.90 7.48 -9.27
N THR A 217 22.47 8.26 -8.36
CA THR A 217 22.40 8.00 -6.90
C THR A 217 20.95 8.18 -6.41
N PHE A 218 20.50 7.30 -5.50
CA PHE A 218 19.20 7.43 -4.75
C PHE A 218 19.49 7.87 -3.30
N PHE A 219 20.45 8.79 -3.15
CA PHE A 219 20.78 9.47 -1.88
C PHE A 219 21.68 10.67 -2.18
N TRP A 220 21.27 11.84 -1.70
CA TRP A 220 22.10 13.07 -1.65
C TRP A 220 22.37 13.39 -0.18
N SER A 221 23.62 13.67 0.18
CA SER A 221 23.99 14.19 1.52
C SER A 221 23.17 15.45 1.78
N VAL A 222 22.68 15.64 3.00
CA VAL A 222 21.80 16.81 3.32
C VAL A 222 22.63 18.10 3.19
N SER A 223 23.96 18.02 3.18
CA SER A 223 24.87 19.17 2.95
C SER A 223 24.70 19.70 1.52
N ILE A 224 24.44 18.81 0.54
CA ILE A 224 24.34 19.18 -0.90
C ILE A 224 23.00 19.87 -1.16
N PRO A 225 22.98 21.16 -1.53
CA PRO A 225 21.72 21.90 -1.68
C PRO A 225 20.95 21.44 -2.91
N HIS A 226 19.63 21.62 -2.88
CA HIS A 226 18.66 21.14 -3.90
C HIS A 226 19.12 21.53 -5.31
N GLU A 227 19.63 22.75 -5.49
CA GLU A 227 20.05 23.31 -6.80
C GLU A 227 21.24 22.51 -7.35
N ARG A 228 22.17 22.09 -6.50
CA ARG A 228 23.36 21.30 -6.89
C ARG A 228 22.93 19.89 -7.34
N ARG A 229 21.88 19.37 -6.71
CA ARG A 229 21.30 18.04 -7.05
C ARG A 229 20.74 18.07 -8.47
N ILE A 230 19.96 19.11 -8.81
CA ILE A 230 19.37 19.33 -10.15
C ILE A 230 20.53 19.45 -11.15
N LEU A 231 21.52 20.28 -10.84
CA LEU A 231 22.67 20.53 -11.74
C LEU A 231 23.45 19.23 -11.99
N THR A 232 23.58 18.36 -10.97
CA THR A 232 24.36 17.09 -11.08
C THR A 232 23.59 16.14 -12.01
N ILE A 233 22.26 16.12 -11.90
CA ILE A 233 21.38 15.26 -12.76
C ILE A 233 21.52 15.74 -14.21
N LEU A 234 21.41 17.04 -14.46
CA LEU A 234 21.51 17.60 -15.83
C LEU A 234 22.90 17.34 -16.42
N GLN A 235 23.93 17.33 -15.59
CA GLN A 235 25.33 17.13 -16.05
C GLN A 235 25.52 15.65 -16.38
N TRP A 236 25.02 14.77 -15.54
CA TRP A 236 24.99 13.31 -15.79
C TRP A 236 24.32 13.04 -17.14
N LEU A 237 23.24 13.77 -17.46
CA LEU A 237 22.45 13.60 -18.71
C LEU A 237 23.25 14.12 -19.92
N SER A 238 24.32 14.88 -19.72
CA SER A 238 25.25 15.36 -20.77
C SER A 238 26.40 14.37 -21.01
N LEU A 239 26.54 13.33 -20.18
CA LEU A 239 27.67 12.36 -20.29
C LEU A 239 27.53 11.57 -21.58
N PRO A 240 28.63 10.96 -22.09
CA PRO A 240 28.58 10.12 -23.28
C PRO A 240 27.78 8.83 -23.05
N ASP A 241 27.40 8.18 -24.15
CA ASP A 241 26.35 7.12 -24.21
C ASP A 241 26.72 5.94 -23.30
N ASN A 242 28.01 5.63 -23.11
CA ASN A 242 28.48 4.43 -22.36
C ASN A 242 28.78 4.81 -20.91
N GLU A 243 28.12 5.86 -20.39
CA GLU A 243 28.33 6.40 -19.03
C GLU A 243 27.05 7.01 -18.48
N ARG A 244 26.26 7.67 -19.32
CA ARG A 244 25.04 8.44 -18.93
C ARG A 244 24.07 7.48 -18.24
N PRO A 245 23.69 7.71 -16.96
CA PRO A 245 22.63 6.93 -16.34
C PRO A 245 21.30 7.04 -17.11
N SER A 246 20.43 6.02 -16.97
CA SER A 246 19.05 5.97 -17.53
C SER A 246 18.01 6.36 -16.46
N VAL A 247 18.37 6.32 -15.17
CA VAL A 247 17.43 6.56 -14.04
C VAL A 247 18.06 7.53 -13.04
N TYR A 248 17.29 8.54 -12.63
CA TYR A 248 17.73 9.65 -11.75
C TYR A 248 16.71 9.82 -10.64
N ALA A 249 17.20 10.08 -9.44
CA ALA A 249 16.40 10.33 -8.23
C ALA A 249 16.79 11.69 -7.66
N PHE A 250 15.80 12.49 -7.32
CA PHE A 250 15.94 13.73 -6.52
C PHE A 250 15.08 13.54 -5.28
N TYR A 251 15.55 14.04 -4.14
CA TYR A 251 14.79 14.06 -2.86
C TYR A 251 14.89 15.43 -2.21
N SER A 252 13.74 15.95 -1.79
CA SER A 252 13.56 17.22 -1.05
C SER A 252 12.90 16.94 0.31
N GLU A 253 13.39 17.60 1.36
CA GLU A 253 12.90 17.50 2.76
C GLU A 253 11.69 18.42 2.95
N GLN A 254 11.44 19.33 2.01
CA GLN A 254 10.21 20.19 1.99
C GLN A 254 9.14 19.49 1.13
N PRO A 255 7.82 19.74 1.36
CA PRO A 255 7.36 20.70 2.37
C PRO A 255 7.16 20.13 3.79
N ASP A 256 7.79 18.99 4.08
CA ASP A 256 7.66 18.27 5.37
C ASP A 256 8.01 19.21 6.53
N PHE A 257 9.22 19.77 6.51
CA PHE A 257 9.77 20.59 7.62
C PHE A 257 8.74 21.65 8.01
N SER A 258 8.28 22.44 7.05
CA SER A 258 7.33 23.57 7.26
C SER A 258 5.98 23.02 7.74
N GLY A 259 5.55 21.89 7.17
CA GLY A 259 4.35 21.13 7.57
C GLY A 259 4.36 20.78 9.05
N HIS A 260 5.47 20.27 9.54
CA HIS A 260 5.68 19.93 10.97
C HIS A 260 5.54 21.19 11.84
N LYS A 261 6.14 22.29 11.39
CA LYS A 261 6.23 23.54 12.19
C LYS A 261 4.87 24.23 12.25
N TYR A 262 4.25 24.48 11.08
CA TYR A 262 3.11 25.42 10.93
C TYR A 262 1.79 24.66 10.75
N GLY A 263 1.84 23.37 10.45
CA GLY A 263 0.65 22.55 10.16
C GLY A 263 0.23 22.70 8.70
N PRO A 264 -0.48 21.71 8.12
CA PRO A 264 -0.81 21.73 6.70
C PRO A 264 -1.67 22.91 6.24
N PHE A 265 -2.45 23.52 7.15
CA PHE A 265 -3.43 24.59 6.83
C PHE A 265 -2.87 25.98 7.15
N GLY A 266 -1.71 26.04 7.79
CA GLY A 266 -1.01 27.32 8.03
C GLY A 266 -0.81 28.09 6.73
N PRO A 267 -1.04 29.43 6.72
CA PRO A 267 -0.72 30.24 5.54
C PRO A 267 0.79 30.32 5.25
N GLU A 268 1.62 29.86 6.20
CA GLU A 268 3.11 29.83 6.10
C GLU A 268 3.57 28.69 5.17
N MET A 269 2.64 27.88 4.63
CA MET A 269 2.97 26.75 3.74
C MET A 269 3.12 27.22 2.29
N THR A 270 2.51 28.36 1.93
CA THR A 270 2.54 28.92 0.55
C THR A 270 4.00 28.99 0.09
N ASN A 271 4.87 29.62 0.89
CA ASN A 271 6.27 29.95 0.48
C ASN A 271 7.09 28.68 0.28
N PRO A 272 7.14 27.74 1.25
CA PRO A 272 7.81 26.45 1.03
C PRO A 272 7.36 25.71 -0.25
N LEU A 273 6.06 25.76 -0.57
CA LEU A 273 5.49 25.18 -1.81
C LEU A 273 5.97 25.95 -3.04
N ARG A 274 6.08 27.29 -2.95
CA ARG A 274 6.67 28.11 -4.04
C ARG A 274 8.09 27.64 -4.31
N GLU A 275 8.85 27.31 -3.27
CA GLU A 275 10.30 26.92 -3.34
C GLU A 275 10.43 25.56 -4.03
N ILE A 276 9.63 24.57 -3.62
CA ILE A 276 9.59 23.26 -4.31
C ILE A 276 9.31 23.51 -5.79
N ASP A 277 8.33 24.38 -6.10
CA ASP A 277 7.91 24.65 -7.50
C ASP A 277 9.06 25.28 -8.28
N LYS A 278 9.81 26.16 -7.63
CA LYS A 278 11.02 26.79 -8.19
C LYS A 278 12.03 25.69 -8.54
N THR A 279 12.19 24.69 -7.68
CA THR A 279 13.14 23.57 -7.90
C THR A 279 12.69 22.71 -9.10
N VAL A 280 11.40 22.40 -9.20
CA VAL A 280 10.82 21.70 -10.39
C VAL A 280 11.07 22.57 -11.63
N GLY A 281 10.66 23.84 -11.59
CA GLY A 281 10.94 24.86 -12.63
C GLY A 281 12.38 24.80 -13.13
N GLN A 282 13.36 24.69 -12.22
CA GLN A 282 14.81 24.67 -12.59
C GLN A 282 15.11 23.37 -13.35
N LEU A 283 14.55 22.25 -12.89
CA LEU A 283 14.78 20.92 -13.52
C LEU A 283 14.23 20.95 -14.95
N MET A 284 12.97 21.37 -15.11
CA MET A 284 12.28 21.39 -16.43
C MET A 284 12.97 22.40 -17.36
N ASP A 285 13.36 23.58 -16.87
CA ASP A 285 14.11 24.61 -17.64
C ASP A 285 15.46 24.03 -18.07
N GLY A 286 16.12 23.30 -17.18
CA GLY A 286 17.38 22.59 -17.46
C GLY A 286 17.22 21.55 -18.56
N LEU A 287 16.15 20.75 -18.48
CA LEU A 287 15.79 19.72 -19.51
C LEU A 287 15.51 20.43 -20.84
N LYS A 288 14.76 21.52 -20.82
CA LYS A 288 14.40 22.30 -22.03
C LYS A 288 15.69 22.84 -22.67
N GLN A 289 16.67 23.28 -21.86
CA GLN A 289 18.00 23.74 -22.33
C GLN A 289 18.72 22.58 -23.04
N LEU A 290 18.76 21.39 -22.44
CA LEU A 290 19.41 20.20 -23.03
C LEU A 290 18.56 19.58 -24.14
N ARG A 291 17.39 20.18 -24.44
CA ARG A 291 16.35 19.68 -25.38
C ARG A 291 15.90 18.27 -24.98
N LEU A 292 15.86 17.97 -23.68
CA LEU A 292 15.43 16.64 -23.17
C LEU A 292 14.05 16.76 -22.52
N HIS A 293 13.35 17.87 -22.75
CA HIS A 293 12.04 18.19 -22.08
C HIS A 293 10.89 17.40 -22.73
N ARG A 294 11.15 16.76 -23.88
CA ARG A 294 10.21 15.86 -24.59
C ARG A 294 10.90 14.50 -24.82
N CYS A 295 11.86 14.18 -23.95
CA CYS A 295 12.69 12.94 -24.01
C CYS A 295 12.52 12.13 -22.71
N VAL A 296 12.54 12.81 -21.56
CA VAL A 296 12.60 12.22 -20.19
C VAL A 296 11.18 12.02 -19.63
N ASN A 297 10.98 10.89 -18.94
CA ASN A 297 9.80 10.64 -18.10
C ASN A 297 10.13 11.19 -16.72
N VAL A 298 9.29 12.12 -16.25
CA VAL A 298 9.37 12.75 -14.90
C VAL A 298 8.26 12.15 -14.05
N ILE A 299 8.60 11.72 -12.84
CA ILE A 299 7.62 11.33 -11.78
C ILE A 299 7.77 12.35 -10.65
N PHE A 300 6.68 13.01 -10.29
CA PHE A 300 6.58 13.87 -9.11
C PHE A 300 5.79 13.08 -8.07
N VAL A 301 6.46 12.66 -7.01
CA VAL A 301 5.91 11.62 -6.09
C VAL A 301 6.30 12.02 -4.67
N GLY A 302 5.32 12.05 -3.77
CA GLY A 302 5.53 12.26 -2.33
C GLY A 302 5.55 10.95 -1.59
N ASP A 303 6.09 10.96 -0.38
CA ASP A 303 6.25 9.76 0.47
C ASP A 303 5.04 9.63 1.42
N HIS A 304 4.42 10.74 1.81
CA HIS A 304 3.30 10.80 2.79
C HIS A 304 2.83 12.23 2.99
N GLY A 305 1.65 12.38 3.57
CA GLY A 305 0.99 13.68 3.81
C GLY A 305 1.39 14.26 5.16
N MET A 306 0.50 15.06 5.74
CA MET A 306 0.73 15.84 6.99
C MET A 306 -0.62 16.13 7.65
N GLU A 307 -0.70 15.92 8.97
CA GLU A 307 -1.93 16.12 9.78
C GLU A 307 -1.64 17.18 10.83
N ASP A 308 -2.68 17.86 11.31
CA ASP A 308 -2.61 18.81 12.45
C ASP A 308 -2.38 17.98 13.72
N VAL A 309 -1.25 18.21 14.41
CA VAL A 309 -0.86 17.51 15.67
C VAL A 309 -0.15 18.52 16.57
N THR A 310 -0.78 18.92 17.68
CA THR A 310 -0.18 19.79 18.74
C THR A 310 0.28 18.91 19.90
N CYS A 311 1.27 19.38 20.68
CA CYS A 311 1.85 18.69 21.85
C CYS A 311 0.78 18.43 22.94
N ASP A 312 -0.25 19.27 23.01
CA ASP A 312 -1.30 19.16 24.07
C ASP A 312 -2.16 17.91 23.80
N ARG A 313 -2.26 17.48 22.54
CA ARG A 313 -3.00 16.25 22.14
C ARG A 313 -2.06 15.04 22.19
N THR A 314 -1.43 14.80 23.35
CA THR A 314 -0.55 13.63 23.63
C THR A 314 -1.20 12.75 24.72
N GLU A 315 -1.29 11.44 24.47
CA GLU A 315 -1.62 10.41 25.49
C GLU A 315 -0.30 9.93 26.09
N PHE A 316 -0.28 9.60 27.39
CA PHE A 316 0.92 9.10 28.11
C PHE A 316 0.69 7.68 28.63
N LEU A 317 1.60 6.75 28.34
CA LEU A 317 1.52 5.33 28.77
C LEU A 317 1.61 5.24 30.29
N SER A 318 2.22 6.25 30.93
CA SER A 318 2.36 6.38 32.41
C SER A 318 0.99 6.61 33.05
N ASN A 319 0.01 7.07 32.26
CA ASN A 319 -1.39 7.30 32.73
C ASN A 319 -2.18 5.99 32.71
N TYR A 320 -1.64 4.93 32.11
CA TYR A 320 -2.30 3.60 31.94
C TYR A 320 -1.49 2.52 32.64
N LEU A 321 -0.18 2.51 32.41
CA LEU A 321 0.75 1.49 32.97
C LEU A 321 1.31 2.03 34.29
N THR A 322 1.71 1.11 35.18
CA THR A 322 2.44 1.39 36.45
C THR A 322 3.94 1.14 36.22
N ASN A 323 4.28 0.27 35.26
CA ASN A 323 5.62 -0.31 35.02
C ASN A 323 6.31 0.41 33.85
N VAL A 324 6.16 1.74 33.74
CA VAL A 324 6.51 2.49 32.49
C VAL A 324 8.02 2.47 32.28
N ASP A 325 8.79 2.29 33.35
CA ASP A 325 10.27 2.37 33.34
C ASP A 325 10.86 1.09 32.71
N ASP A 326 10.11 0.00 32.72
CA ASP A 326 10.59 -1.35 32.30
C ASP A 326 10.40 -1.54 30.79
N ILE A 327 9.65 -0.65 30.12
CA ILE A 327 9.34 -0.79 28.67
C ILE A 327 10.15 0.24 27.88
N THR A 328 10.32 -0.04 26.59
CA THR A 328 10.82 0.91 25.58
C THR A 328 9.67 1.20 24.62
N LEU A 329 9.40 2.47 24.36
CA LEU A 329 8.35 2.93 23.41
C LEU A 329 9.02 3.63 22.22
N VAL A 330 8.68 3.24 21.00
CA VAL A 330 8.83 4.09 19.79
C VAL A 330 7.59 4.98 19.76
N PRO A 331 7.71 6.28 20.12
CA PRO A 331 6.54 7.12 20.34
C PRO A 331 6.07 7.88 19.09
N GLY A 332 5.07 8.75 19.28
CA GLY A 332 4.54 9.67 18.26
C GLY A 332 3.20 9.21 17.72
N THR A 333 3.05 9.25 16.40
CA THR A 333 1.79 8.98 15.66
C THR A 333 1.61 7.47 15.48
N LEU A 334 2.56 6.68 15.98
CA LEU A 334 2.41 5.21 16.20
C LEU A 334 3.17 4.84 17.48
N GLY A 335 2.83 3.71 18.07
CA GLY A 335 3.52 3.12 19.23
C GLY A 335 4.01 1.71 18.93
N ARG A 336 5.24 1.41 19.33
CA ARG A 336 5.82 0.05 19.36
C ARG A 336 6.44 -0.10 20.75
N ILE A 337 6.07 -1.17 21.47
CA ILE A 337 6.50 -1.45 22.86
C ILE A 337 7.26 -2.80 22.86
N ARG A 338 8.41 -2.82 23.52
CA ARG A 338 9.13 -4.05 23.93
C ARG A 338 9.70 -3.83 25.33
N ALA A 339 10.35 -4.87 25.88
CA ALA A 339 11.04 -4.81 27.19
C ALA A 339 12.29 -3.94 27.06
N LYS A 340 12.80 -3.41 28.17
CA LYS A 340 14.13 -2.76 28.26
C LYS A 340 15.22 -3.85 28.25
N SER A 341 14.93 -5.01 28.84
CA SER A 341 15.84 -6.17 28.99
C SER A 341 15.09 -7.48 28.71
N ILE A 342 15.61 -8.33 27.81
CA ILE A 342 14.99 -9.63 27.42
C ILE A 342 15.53 -10.74 28.33
N TYR A 343 8.12 -8.73 32.39
CA TYR A 343 7.51 -8.17 31.15
C TYR A 343 6.53 -9.20 30.56
N ASP A 344 5.25 -8.83 30.43
CA ASP A 344 4.15 -9.72 29.97
C ASP A 344 3.24 -8.97 28.99
N PRO A 345 3.32 -9.26 27.67
CA PRO A 345 2.51 -8.54 26.68
C PRO A 345 1.03 -8.43 27.03
N LYS A 346 0.44 -9.50 27.58
CA LYS A 346 -1.02 -9.60 27.83
C LYS A 346 -1.45 -8.52 28.82
N THR A 347 -0.80 -8.43 29.98
CA THR A 347 -1.18 -7.49 31.06
C THR A 347 -1.01 -6.04 30.56
N ILE A 348 -0.02 -5.79 29.69
CA ILE A 348 0.21 -4.46 29.06
C ILE A 348 -0.94 -4.15 28.11
N ILE A 349 -1.22 -5.05 27.16
CA ILE A 349 -2.36 -4.91 26.20
C ILE A 349 -3.65 -4.68 27.02
N ALA A 350 -3.93 -5.52 28.01
CA ALA A 350 -5.11 -5.41 28.90
C ALA A 350 -5.18 -4.02 29.54
N ALA A 351 -4.04 -3.53 30.04
CA ALA A 351 -3.93 -2.24 30.77
C ALA A 351 -4.15 -1.06 29.80
N LEU A 352 -4.03 -1.28 28.48
CA LEU A 352 -4.16 -0.20 27.47
C LEU A 352 -5.51 -0.27 26.76
N THR A 353 -6.33 -1.29 27.05
CA THR A 353 -7.62 -1.54 26.36
C THR A 353 -8.74 -0.70 27.00
N CYS A 354 -9.37 0.15 26.18
CA CYS A 354 -10.61 0.93 26.46
C CYS A 354 -10.67 1.35 27.94
N LYS A 355 -9.67 2.11 28.38
CA LYS A 355 -9.56 2.58 29.79
C LYS A 355 -10.22 3.95 29.95
N LYS A 356 -10.27 4.76 28.89
CA LYS A 356 -10.93 6.09 28.89
C LYS A 356 -11.97 6.14 27.77
N PRO A 357 -13.06 6.92 27.94
CA PRO A 357 -14.11 6.98 26.92
C PRO A 357 -13.57 7.51 25.58
N ASP A 358 -12.82 8.61 25.63
CA ASP A 358 -12.29 9.36 24.44
C ASP A 358 -10.83 8.95 24.20
N GLN A 359 -10.47 7.68 24.40
CA GLN A 359 -9.07 7.18 24.33
C GLN A 359 -8.60 7.29 22.87
N HIS A 360 -7.47 7.97 22.65
CA HIS A 360 -7.03 8.44 21.31
C HIS A 360 -5.95 7.53 20.73
N PHE A 361 -5.85 6.31 21.25
CA PHE A 361 -5.03 5.21 20.66
C PHE A 361 -5.73 3.88 20.98
N LYS A 362 -5.30 2.82 20.30
CA LYS A 362 -5.74 1.42 20.55
C LYS A 362 -4.53 0.48 20.51
N PRO A 363 -4.35 -0.38 21.54
CA PRO A 363 -3.30 -1.38 21.53
C PRO A 363 -3.67 -2.63 20.72
N TYR A 364 -2.68 -3.24 20.09
CA TYR A 364 -2.81 -4.44 19.23
C TYR A 364 -1.57 -5.30 19.38
N MET A 365 -1.73 -6.62 19.49
CA MET A 365 -0.68 -7.56 19.06
C MET A 365 -0.58 -7.41 17.54
N LYS A 366 0.64 -7.35 16.99
CA LYS A 366 0.87 -6.96 15.57
C LYS A 366 0.07 -7.88 14.64
N GLN A 367 -0.08 -9.17 14.99
CA GLN A 367 -0.84 -10.17 14.18
C GLN A 367 -2.35 -9.88 14.19
N HIS A 368 -2.86 -9.04 15.09
CA HIS A 368 -4.27 -8.58 15.12
C HIS A 368 -4.44 -7.21 14.45
N LEU A 369 -3.38 -6.58 13.95
CA LEU A 369 -3.51 -5.31 13.19
C LEU A 369 -4.33 -5.61 11.94
N PRO A 370 -5.14 -4.65 11.42
CA PRO A 370 -5.82 -4.85 10.15
C PRO A 370 -4.81 -5.35 9.11
N LYS A 371 -5.19 -6.37 8.36
CA LYS A 371 -4.27 -7.08 7.44
C LYS A 371 -3.83 -6.17 6.30
N ARG A 372 -4.61 -5.14 5.96
CA ARG A 372 -4.32 -4.21 4.84
C ARG A 372 -3.04 -3.43 5.15
N LEU A 373 -2.70 -3.30 6.44
CA LEU A 373 -1.47 -2.59 6.89
C LEU A 373 -0.24 -3.45 6.57
N HIS A 374 -0.41 -4.77 6.47
CA HIS A 374 0.68 -5.76 6.29
C HIS A 374 1.86 -5.43 7.22
N TYR A 375 1.61 -5.16 8.50
CA TYR A 375 2.65 -4.66 9.45
C TYR A 375 2.87 -5.70 10.55
N ALA A 376 3.44 -6.83 10.15
CA ALA A 376 3.87 -7.96 11.01
C ALA A 376 4.70 -8.89 10.13
N ASN A 377 5.48 -9.76 10.71
CA ASN A 377 6.36 -10.66 9.91
C ASN A 377 7.60 -9.87 9.50
N ASN A 378 8.07 -9.05 10.43
CA ASN A 378 9.50 -8.73 10.54
C ASN A 378 9.85 -8.86 12.02
N ARG A 379 11.02 -9.43 12.31
CA ARG A 379 11.58 -9.49 13.69
C ARG A 379 11.82 -8.06 14.23
N ARG A 380 11.72 -7.02 13.39
CA ARG A 380 11.95 -5.60 13.81
C ARG A 380 10.61 -4.95 14.21
N ILE A 381 9.48 -5.55 13.84
CA ILE A 381 8.14 -5.08 14.28
C ILE A 381 7.84 -5.67 15.67
N GLU A 382 7.73 -4.81 16.67
CA GLU A 382 7.48 -5.23 18.08
C GLU A 382 6.14 -5.96 18.15
N ASP A 383 6.02 -6.92 19.07
CA ASP A 383 4.77 -7.70 19.32
C ASP A 383 3.62 -6.74 19.61
N ILE A 384 3.85 -5.76 20.46
CA ILE A 384 2.83 -4.77 20.89
C ILE A 384 2.93 -3.53 20.02
N HIS A 385 1.83 -3.13 19.40
CA HIS A 385 1.70 -1.94 18.54
C HIS A 385 0.55 -1.09 19.07
N LEU A 386 0.65 0.23 18.94
CA LEU A 386 -0.44 1.17 19.29
C LEU A 386 -0.83 1.93 18.03
N LEU A 387 -2.05 1.75 17.54
CA LEU A 387 -2.61 2.59 16.45
C LEU A 387 -3.08 3.88 17.09
N VAL A 388 -2.47 5.00 16.75
CA VAL A 388 -2.82 6.33 17.33
C VAL A 388 -3.87 6.98 16.42
N ASP A 389 -4.91 7.59 17.01
CA ASP A 389 -5.95 8.38 16.31
C ASP A 389 -5.30 9.55 15.56
N ARG A 390 -5.79 9.86 14.35
CA ARG A 390 -5.36 11.05 13.60
C ARG A 390 -5.39 12.26 14.54
N ARG A 391 -4.35 13.10 14.45
CA ARG A 391 -4.20 14.43 15.12
C ARG A 391 -3.67 14.27 16.55
N TRP A 392 -3.25 13.06 16.95
CA TRP A 392 -2.81 12.74 18.35
C TRP A 392 -1.40 12.10 18.36
N HIS A 393 -0.76 12.14 19.52
CA HIS A 393 0.56 11.52 19.83
C HIS A 393 0.42 10.55 21.01
N VAL A 394 1.32 9.57 21.09
CA VAL A 394 1.51 8.70 22.28
C VAL A 394 2.97 8.75 22.71
N ALA A 395 3.21 9.03 24.00
CA ALA A 395 4.53 9.06 24.66
C ALA A 395 4.52 8.13 25.88
N ARG A 396 5.70 7.83 26.42
CA ARG A 396 5.86 6.91 27.58
C ARG A 396 5.45 7.63 28.86
N LYS A 397 5.95 8.85 29.06
CA LYS A 397 5.71 9.70 30.28
C LYS A 397 5.98 11.16 29.94
N PRO A 398 5.46 12.12 30.74
CA PRO A 398 5.83 13.53 30.58
C PRO A 398 7.31 13.78 30.91
N CYS A 399 4.61 24.34 22.52
CA CYS A 399 4.38 23.44 21.34
C CYS A 399 5.37 23.79 20.22
N PHE A 400 6.29 22.87 19.90
CA PHE A 400 7.42 23.10 18.98
C PHE A 400 7.05 22.64 17.56
N PHE A 401 5.86 22.05 17.40
CA PHE A 401 5.38 21.41 16.13
C PHE A 401 3.84 21.50 16.08
N GLN A 402 3.29 21.84 14.92
CA GLN A 402 1.82 21.94 14.70
C GLN A 402 1.37 20.85 13.72
N GLY A 403 2.29 19.96 13.31
CA GLY A 403 2.04 18.93 12.28
C GLY A 403 2.88 17.68 12.51
N ASP A 404 2.34 16.50 12.17
CA ASP A 404 3.10 15.23 12.16
C ASP A 404 2.37 14.22 11.27
N HIS A 405 3.01 13.08 11.04
CA HIS A 405 2.59 11.99 10.13
C HIS A 405 3.10 10.66 10.67
N GLY A 406 2.59 9.54 10.13
CA GLY A 406 2.93 8.17 10.54
C GLY A 406 1.68 7.36 10.86
N PHE A 407 0.51 8.02 10.87
CA PHE A 407 -0.82 7.44 11.16
C PHE A 407 -1.17 6.39 10.10
N ASP A 408 -2.20 5.58 10.39
CA ASP A 408 -2.94 4.69 9.46
C ASP A 408 -2.95 5.30 8.04
N ASN A 409 -2.51 4.53 7.05
CA ASN A 409 -2.29 5.01 5.66
C ASN A 409 -3.60 5.20 4.89
N LYS A 410 -4.78 4.87 5.45
CA LYS A 410 -6.11 5.17 4.84
C LYS A 410 -6.58 6.60 5.20
N VAL A 411 -5.98 7.25 6.21
CA VAL A 411 -6.36 8.60 6.70
C VAL A 411 -6.14 9.65 5.59
N ASN A 412 -7.08 10.55 5.36
CA ASN A 412 -7.06 11.51 4.22
CA ASN A 412 -7.05 11.50 4.21
C ASN A 412 -5.80 12.39 4.26
N SER A 413 -5.39 12.80 5.46
CA SER A 413 -4.24 13.72 5.67
C SER A 413 -2.93 13.05 5.27
N MET A 414 -2.85 11.72 5.32
CA MET A 414 -1.59 10.99 5.06
C MET A 414 -1.40 10.76 3.56
N GLN A 415 -2.45 10.99 2.77
CA GLN A 415 -2.45 10.77 1.30
C GLN A 415 -1.45 11.76 0.69
N THR A 416 -0.72 11.31 -0.32
CA THR A 416 0.35 12.10 -1.00
C THR A 416 0.06 12.20 -2.50
N VAL A 417 1.03 12.67 -3.30
CA VAL A 417 0.82 13.05 -4.72
C VAL A 417 1.54 12.06 -5.63
N PHE A 418 0.98 11.88 -6.82
CA PHE A 418 1.63 11.24 -7.98
C PHE A 418 1.25 11.98 -9.26
N VAL A 419 2.28 12.43 -9.98
CA VAL A 419 2.19 12.96 -11.36
C VAL A 419 3.24 12.22 -12.19
N GLY A 420 2.86 11.81 -13.41
CA GLY A 420 3.78 11.34 -14.46
C GLY A 420 3.68 12.25 -15.67
N TYR A 421 4.82 12.73 -16.14
CA TYR A 421 4.96 13.59 -17.33
C TYR A 421 6.08 13.03 -18.20
N GLY A 422 5.82 12.85 -19.49
CA GLY A 422 6.83 12.37 -20.45
C GLY A 422 6.22 11.58 -21.59
N PRO A 423 7.07 11.11 -22.54
CA PRO A 423 6.58 10.40 -23.71
C PRO A 423 5.82 9.11 -23.38
N THR A 424 6.24 8.40 -22.33
CA THR A 424 5.70 7.07 -21.93
C THR A 424 4.42 7.21 -21.09
N PHE A 425 4.15 8.37 -20.48
CA PHE A 425 2.90 8.64 -19.72
C PHE A 425 1.81 9.13 -20.67
N LYS A 426 0.54 8.99 -20.26
CA LYS A 426 -0.62 9.52 -21.01
C LYS A 426 -0.65 11.05 -20.89
N TYR A 427 -1.53 11.66 -21.68
CA TYR A 427 -1.63 13.13 -21.89
C TYR A 427 -2.98 13.59 -21.32
N ARG A 428 -2.92 14.54 -20.38
CA ARG A 428 -4.09 15.19 -19.72
C ARG A 428 -5.04 14.13 -19.16
N THR A 429 -4.49 13.14 -18.44
CA THR A 429 -5.23 11.93 -17.98
C THR A 429 -5.31 11.92 -16.46
N LYS A 430 -6.52 11.98 -15.89
CA LYS A 430 -6.79 11.64 -14.47
C LYS A 430 -6.87 10.12 -14.38
N VAL A 431 -6.13 9.50 -13.46
CA VAL A 431 -6.25 8.06 -13.12
C VAL A 431 -6.72 7.96 -11.67
N PRO A 432 -7.42 6.88 -11.28
CA PRO A 432 -7.90 6.74 -9.90
C PRO A 432 -6.77 6.60 -8.89
N PRO A 433 -7.02 6.91 -7.59
CA PRO A 433 -6.03 6.70 -6.54
C PRO A 433 -5.46 5.29 -6.56
N PHE A 434 -4.16 5.13 -6.27
CA PHE A 434 -3.45 3.82 -6.26
C PHE A 434 -2.43 3.81 -5.11
N GLU A 435 -1.88 2.64 -4.82
CA GLU A 435 -0.92 2.45 -3.70
C GLU A 435 0.52 2.60 -4.24
N ASN A 436 1.42 3.11 -3.41
CA ASN A 436 2.81 3.47 -3.80
C ASN A 436 3.63 2.18 -3.99
N ILE A 437 3.16 1.06 -3.46
CA ILE A 437 3.79 -0.28 -3.66
C ILE A 437 3.72 -0.64 -5.14
N GLU A 438 2.82 0.00 -5.90
CA GLU A 438 2.57 -0.33 -7.32
C GLU A 438 3.63 0.33 -8.23
N LEU A 439 4.38 1.32 -7.76
CA LEU A 439 5.18 2.22 -8.65
C LEU A 439 6.43 1.52 -9.16
N TYR A 440 7.08 0.68 -8.35
CA TYR A 440 8.34 -0.04 -8.70
C TYR A 440 8.20 -0.76 -10.05
N ASN A 441 7.12 -1.50 -10.25
CA ASN A 441 6.82 -2.24 -11.50
C ASN A 441 6.70 -1.26 -12.67
N VAL A 442 5.98 -0.15 -12.46
CA VAL A 442 5.75 0.91 -13.48
C VAL A 442 7.11 1.49 -13.86
N MET A 443 7.89 1.89 -12.87
CA MET A 443 9.24 2.49 -13.10
C MET A 443 10.12 1.47 -13.81
N CYS A 444 9.97 0.18 -13.50
CA CYS A 444 10.72 -0.90 -14.20
C CYS A 444 10.29 -0.97 -15.66
N ASP A 445 8.98 -0.93 -15.89
CA ASP A 445 8.39 -0.81 -17.26
C ASP A 445 8.99 0.43 -17.95
N LEU A 446 8.94 1.61 -17.32
CA LEU A 446 9.43 2.86 -17.95
C LEU A 446 10.88 2.66 -18.43
N LEU A 447 11.66 1.82 -17.75
CA LEU A 447 13.11 1.61 -18.04
C LEU A 447 13.36 0.30 -18.77
N GLY A 448 12.31 -0.40 -19.21
CA GLY A 448 12.40 -1.73 -19.87
C GLY A 448 13.11 -2.77 -19.00
N LEU A 449 12.92 -2.74 -17.68
CA LEU A 449 13.54 -3.71 -16.71
C LEU A 449 12.51 -4.75 -16.28
N LYS A 450 12.96 -6.01 -16.10
CA LYS A 450 12.18 -7.07 -15.42
C LYS A 450 12.21 -6.80 -13.92
N PRO A 451 11.09 -6.42 -13.29
CA PRO A 451 11.08 -6.12 -11.87
C PRO A 451 11.35 -7.38 -11.04
N ALA A 452 12.01 -7.22 -9.88
CA ALA A 452 12.19 -8.28 -8.87
C ALA A 452 10.83 -8.65 -8.29
N PRO A 453 10.68 -9.83 -7.66
CA PRO A 453 9.42 -10.19 -7.00
C PRO A 453 9.05 -9.08 -6.00
N ASN A 454 7.82 -8.57 -6.07
CA ASN A 454 7.38 -7.46 -5.18
C ASN A 454 5.88 -7.62 -4.87
N ASN A 455 5.29 -6.66 -4.17
CA ASN A 455 3.91 -6.70 -3.62
C ASN A 455 2.98 -5.84 -4.51
N GLY A 456 3.55 -5.12 -5.47
CA GLY A 456 2.74 -4.51 -6.53
C GLY A 456 2.01 -5.59 -7.29
N THR A 457 1.00 -5.21 -8.07
CA THR A 457 0.21 -6.10 -8.96
C THR A 457 0.54 -5.68 -10.39
N HIS A 458 1.49 -6.38 -11.00
CA HIS A 458 2.11 -5.99 -12.30
C HIS A 458 1.03 -5.95 -13.38
N GLY A 459 0.67 -4.76 -13.83
CA GLY A 459 -0.37 -4.52 -14.83
C GLY A 459 -1.50 -3.66 -14.29
N SER A 460 -1.58 -3.47 -12.97
CA SER A 460 -2.66 -2.67 -12.34
C SER A 460 -2.56 -1.20 -12.76
N LEU A 461 -1.37 -0.69 -13.05
CA LEU A 461 -1.15 0.74 -13.40
C LEU A 461 -0.84 0.88 -14.88
N ASN A 462 -1.16 -0.13 -15.71
CA ASN A 462 -0.95 -0.07 -17.17
C ASN A 462 -1.67 1.14 -17.76
N HIS A 463 -2.82 1.52 -17.18
CA HIS A 463 -3.70 2.63 -17.64
C HIS A 463 -3.06 4.02 -17.40
N LEU A 464 -1.87 4.08 -16.80
CA LEU A 464 -1.07 5.33 -16.64
C LEU A 464 -0.23 5.58 -17.90
N LEU A 465 0.06 4.53 -18.67
CA LEU A 465 1.09 4.53 -19.73
C LEU A 465 0.43 4.56 -21.12
N ARG A 466 1.05 5.23 -22.09
CA ARG A 466 0.51 5.24 -23.48
C ARG A 466 1.02 4.02 -24.25
N THR A 467 2.08 3.34 -23.80
CA THR A 467 2.61 2.10 -24.43
C THR A 467 3.21 1.17 -23.36
N ASN A 468 2.64 -0.03 -23.23
CA ASN A 468 3.01 -1.06 -22.21
C ASN A 468 4.00 -2.06 -22.83
N THR A 469 5.03 -2.43 -22.06
CA THR A 469 6.01 -3.50 -22.39
C THR A 469 5.73 -4.74 -21.51
N PHE A 470 4.69 -4.67 -20.67
CA PHE A 470 4.18 -5.82 -19.86
C PHE A 470 2.66 -5.93 -19.98
N ARG A 471 2.18 -7.05 -20.52
CA ARG A 471 0.77 -7.50 -20.47
C ARG A 471 0.65 -8.57 -19.39
N PRO A 472 -0.28 -8.42 -18.41
CA PRO A 472 -0.46 -9.44 -17.39
C PRO A 472 -1.17 -10.66 -18.01
N THR A 473 -0.86 -11.84 -17.50
CA THR A 473 -1.51 -13.11 -17.90
C THR A 473 -2.16 -13.74 -16.66
N MET A 474 -3.40 -14.20 -16.80
CA MET A 474 -4.16 -14.84 -15.71
C MET A 474 -3.40 -16.08 -15.27
N PRO A 475 -3.20 -16.30 -13.95
CA PRO A 475 -2.49 -17.50 -13.50
C PRO A 475 -3.28 -18.76 -13.82
N ASP A 476 -2.60 -19.84 -14.20
CA ASP A 476 -3.21 -21.18 -14.41
C ASP A 476 -3.78 -21.69 -13.08
N GLU A 477 -4.93 -22.35 -13.12
CA GLU A 477 -5.46 -23.12 -11.96
C GLU A 477 -4.56 -24.32 -11.72
N VAL A 478 -4.21 -24.56 -10.45
CA VAL A 478 -3.36 -25.70 -9.98
C VAL A 478 -4.23 -26.94 -9.67
N SER A 479 -5.37 -26.77 -8.99
CA SER A 479 -6.26 -27.88 -8.54
C SER A 479 -7.63 -27.75 -9.24
N ARG A 480 -8.02 -28.79 -9.97
CA ARG A 480 -9.35 -28.93 -10.60
C ARG A 480 -10.33 -29.36 -9.53
N PRO A 481 -11.57 -28.81 -9.49
CA PRO A 481 -12.59 -29.28 -8.56
C PRO A 481 -13.26 -30.59 -9.00
N ASN A 482 -13.72 -31.38 -8.03
CA ASN A 482 -14.68 -32.49 -8.24
C ASN A 482 -16.09 -31.88 -8.24
N TYR A 483 -17.07 -32.64 -8.74
CA TYR A 483 -18.50 -32.24 -8.87
C TYR A 483 -19.39 -33.39 -8.39
N PRO A 484 -19.41 -33.69 -7.08
CA PRO A 484 -20.11 -34.88 -6.57
C PRO A 484 -21.64 -34.77 -6.65
N ILE A 485 -23.86 -36.73 -5.26
CA ILE A 485 -24.94 -37.41 -4.49
C ILE A 485 -24.58 -38.90 -4.32
N MET A 486 -23.89 -39.25 -3.24
CA MET A 486 -23.17 -40.55 -3.11
C MET A 486 -23.42 -41.22 -1.75
N TYR A 487 -23.90 -40.49 -0.74
CA TYR A 487 -24.05 -40.98 0.66
C TYR A 487 -25.46 -40.63 1.17
N LEU A 488 -26.18 -41.60 1.74
CA LEU A 488 -27.51 -41.37 2.35
C LEU A 488 -27.36 -41.02 3.84
N GLN A 489 -28.42 -40.46 4.45
CA GLN A 489 -28.40 -39.83 5.81
C GLN A 489 -28.09 -40.89 6.89
N SER A 490 -28.43 -42.17 6.63
CA SER A 490 -28.24 -43.33 7.55
C SER A 490 -26.77 -43.45 7.95
N GLU A 491 -25.86 -43.31 6.99
CA GLU A 491 -24.40 -43.50 7.17
C GLU A 491 -23.83 -42.36 8.03
N PHE A 492 -24.38 -41.15 7.90
CA PHE A 492 -23.96 -39.92 8.63
C PHE A 492 -24.32 -40.05 10.11
N ASP A 493 -23.30 -40.00 10.97
CA ASP A 493 -23.43 -39.95 12.44
C ASP A 493 -22.48 -38.85 12.95
N LEU A 494 -22.78 -37.59 12.61
CA LEU A 494 -21.95 -36.38 12.86
C LEU A 494 -22.37 -35.71 14.18
N GLY A 495 -23.31 -36.30 14.93
CA GLY A 495 -23.80 -35.76 16.21
C GLY A 495 -24.60 -34.49 16.03
N CYS A 496 -25.18 -34.28 14.84
CA CYS A 496 -26.03 -33.11 14.49
C CYS A 496 -27.51 -33.52 14.50
N THR A 497 -28.41 -32.53 14.53
CA THR A 497 -29.88 -32.73 14.49
C THR A 497 -30.54 -31.55 13.77
N CYS A 498 -31.62 -31.84 13.05
CA CYS A 498 -32.51 -30.84 12.41
C CYS A 498 -33.96 -31.34 12.44
N ASP A 499 -34.92 -30.44 12.70
CA ASP A 499 -36.38 -30.72 12.80
C ASP A 499 -36.65 -31.56 14.05
N GLY A 500 -28.28 -24.64 -14.56
CA GLY A 500 -29.34 -23.61 -14.46
C GLY A 500 -28.77 -22.21 -14.47
N SER A 501 -29.65 -21.20 -14.51
CA SER A 501 -29.31 -19.75 -14.54
C SER A 501 -28.60 -19.37 -13.23
N THR A 502 -29.03 -19.93 -12.09
CA THR A 502 -28.54 -19.56 -10.73
C THR A 502 -27.07 -19.96 -10.55
N LYS A 503 -26.65 -21.12 -11.09
CA LYS A 503 -25.21 -21.47 -11.26
C LYS A 503 -24.45 -20.22 -11.75
N GLU A 504 -24.89 -19.65 -12.87
CA GLU A 504 -24.24 -18.51 -13.55
C GLU A 504 -24.48 -17.24 -12.72
N ARG A 505 -25.71 -17.01 -12.24
CA ARG A 505 -26.08 -15.76 -11.52
C ARG A 505 -25.32 -15.64 -10.19
N HIS A 506 -25.15 -16.73 -9.44
CA HIS A 506 -24.49 -16.70 -8.11
C HIS A 506 -22.97 -16.57 -8.27
N LEU A 507 -22.39 -17.08 -9.37
CA LEU A 507 -20.99 -16.85 -9.82
C LEU A 507 -20.99 -15.84 -10.99
N LEU A 508 -21.26 -14.57 -10.71
CA LEU A 508 -21.39 -13.52 -11.75
C LEU A 508 -20.09 -13.38 -12.55
N TYR A 509 -18.94 -13.67 -11.94
CA TYR A 509 -17.61 -13.36 -12.54
C TYR A 509 -16.81 -14.64 -12.71
N GLY A 510 -17.49 -15.78 -12.78
CA GLY A 510 -16.86 -17.10 -12.97
C GLY A 510 -16.37 -17.69 -11.66
N ARG A 511 -16.21 -19.00 -11.65
CA ARG A 511 -15.69 -19.74 -10.48
C ARG A 511 -14.30 -19.18 -10.19
N PRO A 512 -13.95 -18.81 -8.94
CA PRO A 512 -12.56 -18.49 -8.60
C PRO A 512 -11.65 -19.72 -8.77
N ALA A 513 -10.39 -19.50 -9.18
CA ALA A 513 -9.40 -20.57 -9.44
C ALA A 513 -8.62 -20.85 -8.16
N VAL A 514 -8.26 -22.11 -7.92
CA VAL A 514 -7.45 -22.53 -6.74
C VAL A 514 -6.01 -22.72 -7.19
N LEU A 515 -5.09 -21.93 -6.64
CA LEU A 515 -3.69 -21.82 -7.15
C LEU A 515 -2.73 -22.58 -6.24
N TYR A 516 -3.18 -23.63 -5.55
CA TYR A 516 -2.30 -24.56 -4.80
C TYR A 516 -2.84 -25.99 -4.89
N ARG A 517 -2.02 -26.97 -4.48
CA ARG A 517 -2.38 -28.42 -4.51
C ARG A 517 -3.35 -28.69 -3.36
N THR A 518 -4.59 -29.05 -3.67
CA THR A 518 -5.64 -29.34 -2.66
C THR A 518 -6.82 -30.06 -3.34
N SER A 519 -7.52 -30.87 -2.56
CA SER A 519 -8.72 -31.61 -2.99
C SER A 519 -9.95 -30.83 -2.53
N TYR A 520 -10.79 -30.37 -3.48
CA TYR A 520 -12.03 -29.63 -3.15
C TYR A 520 -13.15 -29.98 -4.14
N ASP A 521 -14.39 -29.62 -3.78
CA ASP A 521 -15.63 -29.90 -4.54
C ASP A 521 -16.39 -28.60 -4.81
N ILE A 522 -17.09 -28.51 -5.95
CA ILE A 522 -18.12 -27.47 -6.19
C ILE A 522 -19.45 -28.02 -5.69
N LEU A 523 -20.13 -27.27 -4.81
CA LEU A 523 -21.49 -27.58 -4.32
C LEU A 523 -22.45 -26.51 -4.86
N TYR A 524 -23.44 -26.91 -5.65
CA TYR A 524 -24.47 -26.02 -6.21
C TYR A 524 -25.66 -26.00 -5.26
N HIS A 525 -26.35 -24.86 -5.22
CA HIS A 525 -27.61 -24.64 -4.48
C HIS A 525 -28.43 -23.59 -5.24
N THR A 526 -29.71 -23.47 -4.90
CA THR A 526 -30.65 -22.47 -5.46
C THR A 526 -30.09 -21.07 -5.23
N ASP A 527 -29.62 -20.77 -4.01
CA ASP A 527 -29.32 -19.38 -3.56
C ASP A 527 -27.81 -19.13 -3.44
N PHE A 528 -26.97 -20.14 -3.63
CA PHE A 528 -25.50 -20.01 -3.38
C PHE A 528 -24.72 -21.20 -3.93
N GLU A 529 -23.46 -20.92 -4.25
CA GLU A 529 -22.45 -21.87 -4.79
C GLU A 529 -21.18 -21.78 -3.94
N SER A 530 -20.59 -22.92 -3.56
CA SER A 530 -19.39 -22.97 -2.68
C SER A 530 -18.36 -23.91 -3.28
N GLY A 531 -17.08 -23.62 -3.04
CA GLY A 531 -15.94 -24.52 -3.28
C GLY A 531 -15.56 -25.16 -1.97
N TYR A 532 -16.03 -26.38 -1.72
CA TYR A 532 -15.91 -27.07 -0.41
C TYR A 532 -14.58 -27.80 -0.38
N SER A 533 -13.70 -27.45 0.55
CA SER A 533 -12.41 -28.15 0.75
C SER A 533 -12.65 -29.40 1.59
N GLU A 534 -12.26 -30.57 1.09
CA GLU A 534 -12.26 -31.85 1.86
C GLU A 534 -11.02 -31.92 2.74
N ILE A 535 -10.06 -31.02 2.55
CA ILE A 535 -8.81 -30.97 3.35
C ILE A 535 -9.13 -30.22 4.64
N PHE A 536 -9.65 -28.99 4.51
CA PHE A 536 -9.93 -28.06 5.64
C PHE A 536 -11.39 -28.17 6.09
N LEU A 537 -12.13 -29.18 5.59
CA LEU A 537 -13.48 -29.58 6.06
C LEU A 537 -14.45 -28.38 6.03
N MET A 538 -14.28 -27.46 5.10
CA MET A 538 -15.17 -26.26 5.01
C MET A 538 -14.95 -25.59 3.68
N PRO A 539 -15.82 -24.67 3.24
CA PRO A 539 -15.61 -23.93 2.00
C PRO A 539 -14.36 -23.04 1.98
N LEU A 540 -13.61 -23.05 0.88
CA LEU A 540 -12.55 -22.05 0.60
C LEU A 540 -13.23 -20.73 0.23
N TRP A 541 -14.40 -20.82 -0.43
CA TRP A 541 -15.21 -19.66 -0.85
C TRP A 541 -16.68 -20.06 -0.94
N THR A 542 -17.57 -19.08 -0.80
CA THR A 542 -19.04 -19.22 -0.92
C THR A 542 -19.53 -18.00 -1.70
N SER A 543 -20.20 -18.20 -2.83
CA SER A 543 -20.57 -17.11 -3.78
C SER A 543 -22.09 -17.05 -3.95
N TYR A 544 -22.67 -15.86 -3.76
CA TYR A 544 -24.12 -15.65 -3.92
C TYR A 544 -24.41 -14.21 -4.30
N THR A 545 -25.47 -14.01 -5.08
CA THR A 545 -25.95 -12.69 -5.56
C THR A 545 -27.24 -12.33 -4.80
N ILE A 546 -27.26 -11.15 -4.18
CA ILE A 546 -28.46 -10.61 -3.50
C ILE A 546 -28.91 -9.40 -4.31
N SER A 547 -30.06 -9.51 -4.95
CA SER A 547 -30.74 -8.42 -5.69
C SER A 547 -31.22 -7.35 -4.69
N LYS A 548 -31.56 -6.16 -5.20
CA LYS A 548 -32.17 -5.09 -4.37
C LYS A 548 -33.54 -5.56 -3.90
N GLN A 549 -34.16 -6.52 -4.61
CA GLN A 549 -35.53 -7.04 -4.38
C GLN A 549 -35.51 -8.14 -3.31
N ALA A 550 -34.34 -8.71 -3.02
CA ALA A 550 -34.17 -9.91 -2.16
C ALA A 550 -34.80 -9.66 -0.80
N GLU A 551 -35.58 -10.63 -0.29
CA GLU A 551 -36.28 -10.52 1.02
C GLU A 551 -35.39 -11.09 2.12
N VAL A 552 -35.40 -10.45 3.29
CA VAL A 552 -34.76 -10.96 4.53
C VAL A 552 -35.86 -11.65 5.35
N SER A 553 -35.58 -12.85 5.86
CA SER A 553 -36.50 -13.62 6.75
C SER A 553 -35.71 -14.13 7.96
N SER A 554 -36.42 -14.42 9.04
CA SER A 554 -35.85 -14.93 10.32
C SER A 554 -35.58 -16.43 10.16
N ILE A 555 -34.61 -16.94 10.92
CA ILE A 555 -34.41 -18.40 11.15
C ILE A 555 -35.52 -18.86 12.08
N PRO A 556 -36.47 -19.72 11.63
CA PRO A 556 -37.52 -20.25 12.52
C PRO A 556 -36.90 -20.87 13.79
N GLU A 557 -37.59 -20.74 14.93
CA GLU A 557 -37.06 -21.11 16.26
C GLU A 557 -36.58 -22.57 16.22
N HIS A 558 -37.41 -23.47 15.66
CA HIS A 558 -37.22 -24.94 15.63
C HIS A 558 -36.04 -25.34 14.73
N LEU A 559 -35.44 -24.40 13.97
CA LEU A 559 -34.32 -24.67 13.04
C LEU A 559 -33.03 -24.02 13.55
N THR A 560 -33.04 -23.36 14.72
CA THR A 560 -31.93 -22.52 15.24
C THR A 560 -30.62 -23.32 15.27
N ASN A 561 -30.69 -24.55 15.81
CA ASN A 561 -29.56 -25.49 15.98
C ASN A 561 -29.57 -26.53 14.87
N CYS A 562 -30.40 -26.33 13.84
CA CYS A 562 -30.48 -27.25 12.67
C CYS A 562 -29.11 -27.27 11.96
N VAL A 563 -28.53 -28.46 11.85
CA VAL A 563 -27.39 -28.76 10.94
C VAL A 563 -27.72 -30.06 10.23
N ARG A 564 -27.59 -30.09 8.90
CA ARG A 564 -28.00 -31.23 8.04
C ARG A 564 -26.77 -31.81 7.37
N PRO A 565 -26.65 -33.14 7.29
CA PRO A 565 -25.54 -33.74 6.54
C PRO A 565 -25.69 -33.43 5.04
N ASP A 566 -24.55 -33.27 4.34
CA ASP A 566 -24.50 -33.07 2.87
C ASP A 566 -24.22 -34.43 2.24
N VAL A 567 -25.22 -34.97 1.54
CA VAL A 567 -25.24 -36.33 0.91
C VAL A 567 -24.13 -36.41 -0.16
N ARG A 568 -23.67 -35.28 -0.69
CA ARG A 568 -22.65 -35.16 -1.76
C ARG A 568 -21.24 -35.33 -1.18
N VAL A 569 -21.06 -35.15 0.14
CA VAL A 569 -19.71 -35.17 0.79
C VAL A 569 -19.68 -36.25 1.86
N SER A 570 -18.68 -37.12 1.79
CA SER A 570 -18.41 -38.20 2.78
C SER A 570 -18.47 -37.64 4.19
N PRO A 571 -18.99 -38.39 5.18
CA PRO A 571 -18.86 -38.01 6.59
C PRO A 571 -17.39 -37.81 6.99
N GLY A 572 -16.49 -38.64 6.43
CA GLY A 572 -15.05 -38.60 6.68
C GLY A 572 -14.42 -37.27 6.33
N PHE A 573 -15.09 -36.44 5.52
CA PHE A 573 -14.60 -35.14 5.01
C PHE A 573 -15.59 -34.02 5.37
N SER A 574 -16.38 -34.25 6.41
CA SER A 574 -17.41 -33.32 6.93
C SER A 574 -17.02 -32.87 8.33
N GLN A 575 -17.50 -31.69 8.73
CA GLN A 575 -17.42 -31.23 10.15
C GLN A 575 -18.37 -32.11 10.96
N ASN A 576 -18.41 -31.92 12.28
CA ASN A 576 -19.37 -32.61 13.19
C ASN A 576 -19.80 -31.62 14.27
N CYS A 577 -20.98 -31.80 14.82
CA CYS A 577 -21.62 -30.91 15.83
C CYS A 577 -21.16 -31.26 17.26
N LEU A 578 -20.72 -32.51 17.50
CA LEU A 578 -20.20 -32.94 18.83
C LEU A 578 -18.95 -32.09 19.14
N ALA A 579 -18.09 -31.87 18.15
CA ALA A 579 -16.84 -31.10 18.31
C ALA A 579 -17.16 -29.72 18.89
N TYR A 580 -18.18 -29.04 18.37
CA TYR A 580 -18.57 -27.66 18.79
C TYR A 580 -19.14 -27.67 20.20
N LYS A 581 -19.95 -28.68 20.55
CA LYS A 581 -20.49 -28.83 21.92
C LYS A 581 -19.35 -29.04 22.92
N ASN A 582 -18.29 -29.77 22.54
CA ASN A 582 -17.17 -30.08 23.44
C ASN A 582 -16.26 -28.85 23.60
N ASP A 583 -16.23 -27.96 22.60
CA ASP A 583 -15.31 -26.78 22.60
C ASP A 583 -16.02 -25.63 23.34
N LYS A 584 -15.53 -25.33 24.53
CA LYS A 584 -16.07 -24.30 25.46
C LYS A 584 -16.12 -22.94 24.77
N GLN A 585 -15.17 -22.64 23.89
CA GLN A 585 -14.97 -21.27 23.34
C GLN A 585 -15.59 -21.18 21.95
N MET A 586 -15.72 -22.30 21.24
CA MET A 586 -16.01 -22.28 19.78
C MET A 586 -17.46 -22.66 19.52
N SER A 587 -18.17 -21.80 18.78
CA SER A 587 -19.51 -22.06 18.22
C SER A 587 -19.34 -22.24 16.70
N TYR A 588 -20.40 -22.04 15.92
CA TYR A 588 -20.36 -22.14 14.44
C TYR A 588 -21.28 -21.09 13.85
N GLY A 589 -21.02 -20.76 12.59
CA GLY A 589 -21.84 -19.87 11.75
C GLY A 589 -21.87 -20.42 10.35
N PHE A 590 -22.63 -19.80 9.48
CA PHE A 590 -22.86 -20.26 8.09
C PHE A 590 -22.35 -19.17 7.16
N LEU A 591 -21.70 -19.58 6.07
CA LEU A 591 -21.09 -18.67 5.08
C LEU A 591 -22.19 -18.05 4.20
N PHE A 592 -23.08 -18.85 3.61
CA PHE A 592 -24.33 -18.30 3.03
C PHE A 592 -25.32 -18.13 4.16
N PRO A 593 -25.92 -16.93 4.35
CA PRO A 593 -26.84 -16.67 5.46
C PRO A 593 -28.22 -17.30 5.24
N PRO A 594 -28.71 -18.12 6.18
CA PRO A 594 -30.10 -18.59 6.14
C PRO A 594 -31.12 -17.46 6.01
N TYR A 595 -30.79 -16.24 6.44
CA TYR A 595 -31.70 -15.05 6.45
C TYR A 595 -32.01 -14.57 5.04
N LEU A 596 -31.20 -14.91 4.03
CA LEU A 596 -31.35 -14.39 2.65
C LEU A 596 -31.76 -15.53 1.70
N SER A 597 -32.18 -16.66 2.26
CA SER A 597 -32.72 -17.77 1.44
C SER A 597 -33.93 -17.26 0.67
N SER A 598 -34.14 -17.76 -0.56
CA SER A 598 -35.16 -17.28 -1.52
C SER A 598 -36.53 -17.94 -1.25
N SER A 599 -36.57 -19.02 -0.47
CA SER A 599 -37.84 -19.72 -0.10
C SER A 599 -37.65 -20.47 1.21
N PRO A 600 -38.75 -20.90 1.87
CA PRO A 600 -38.65 -21.84 2.98
C PRO A 600 -37.93 -23.14 2.58
N GLU A 601 -38.16 -23.65 1.36
CA GLU A 601 -37.51 -24.89 0.84
C GLU A 601 -36.00 -24.65 0.72
N ALA A 602 -35.60 -23.54 0.13
CA ALA A 602 -34.18 -23.21 -0.14
C ALA A 602 -33.43 -23.02 1.19
N LYS A 603 -34.11 -22.54 2.23
CA LYS A 603 -33.46 -22.21 3.52
C LYS A 603 -32.73 -23.44 4.08
N TYR A 604 -33.23 -24.65 3.82
CA TYR A 604 -32.61 -25.92 4.30
C TYR A 604 -31.19 -26.09 3.75
N ASP A 605 -30.92 -25.60 2.54
CA ASP A 605 -29.56 -25.66 1.94
C ASP A 605 -28.58 -24.88 2.83
N ALA A 606 -29.06 -23.78 3.42
CA ALA A 606 -28.25 -22.86 4.25
C ALA A 606 -27.73 -23.58 5.50
N PHE A 607 -28.50 -24.54 6.04
CA PHE A 607 -28.14 -25.31 7.26
C PHE A 607 -27.28 -26.55 6.93
N LEU A 608 -26.79 -26.71 5.70
CA LEU A 608 -25.90 -27.88 5.38
C LEU A 608 -24.59 -27.79 6.16
N VAL A 609 -24.08 -28.94 6.63
CA VAL A 609 -22.77 -29.08 7.32
C VAL A 609 -21.64 -28.47 6.46
N THR A 610 -21.78 -28.55 5.13
CA THR A 610 -20.78 -28.04 4.15
C THR A 610 -20.84 -26.51 4.01
N ASN A 611 -21.78 -25.83 4.68
CA ASN A 611 -21.92 -24.34 4.67
C ASN A 611 -21.50 -23.79 6.04
N MET A 612 -21.25 -24.71 6.99
CA MET A 612 -20.94 -24.43 8.41
C MET A 612 -19.46 -24.07 8.56
N VAL A 613 -19.15 -23.16 9.47
CA VAL A 613 -17.75 -22.69 9.65
C VAL A 613 -17.55 -22.33 11.12
N PRO A 614 -16.37 -22.60 11.74
CA PRO A 614 -16.17 -22.34 13.16
C PRO A 614 -16.16 -20.83 13.49
N MET A 615 -16.95 -20.41 14.48
CA MET A 615 -17.05 -18.98 14.88
C MET A 615 -17.14 -18.86 16.39
N TYR A 616 -16.30 -18.03 16.98
CA TYR A 616 -16.40 -17.55 18.38
C TYR A 616 -17.71 -16.80 18.52
N PRO A 617 -18.46 -17.01 19.63
CA PRO A 617 -19.62 -16.18 19.93
C PRO A 617 -19.37 -14.69 19.68
N ALA A 618 -18.20 -14.19 20.11
CA ALA A 618 -17.78 -12.77 19.89
C ALA A 618 -17.86 -12.44 18.40
N PHE A 619 -17.28 -13.29 17.55
CA PHE A 619 -17.29 -13.09 16.08
C PHE A 619 -18.71 -13.20 15.52
N LYS A 620 -19.55 -14.09 16.07
CA LYS A 620 -20.92 -14.36 15.54
C LYS A 620 -21.80 -13.11 15.68
N ARG A 621 -21.59 -12.29 16.72
CA ARG A 621 -22.27 -10.98 16.87
C ARG A 621 -21.99 -10.09 15.65
N VAL A 622 -20.75 -10.08 15.17
CA VAL A 622 -20.34 -9.27 13.99
C VAL A 622 -20.99 -9.88 12.76
N TRP A 623 -20.76 -11.17 12.54
CA TRP A 623 -21.17 -11.93 11.33
C TRP A 623 -22.69 -11.83 11.16
N ALA A 624 -23.45 -12.23 12.18
CA ALA A 624 -24.94 -12.17 12.21
C ALA A 624 -25.41 -10.78 11.79
N TYR A 625 -24.75 -9.71 12.23
CA TYR A 625 -25.12 -8.33 11.86
C TYR A 625 -24.78 -8.07 10.39
N PHE A 626 -23.60 -8.50 9.98
CA PHE A 626 -23.20 -8.39 8.55
C PHE A 626 -24.24 -9.10 7.68
N GLN A 627 -24.58 -10.34 8.03
CA GLN A 627 -25.42 -11.23 7.18
C GLN A 627 -26.90 -10.85 7.22
N ARG A 628 -27.44 -10.46 8.37
CA ARG A 628 -28.90 -10.21 8.54
CA ARG A 628 -28.90 -10.21 8.51
C ARG A 628 -29.23 -8.78 8.10
N VAL A 629 -28.31 -7.84 8.33
CA VAL A 629 -28.58 -6.39 8.16
C VAL A 629 -27.77 -5.80 6.99
N LEU A 630 -26.46 -6.00 6.97
CA LEU A 630 -25.58 -5.18 6.09
C LEU A 630 -25.68 -5.66 4.64
N VAL A 631 -25.82 -6.98 4.41
CA VAL A 631 -25.74 -7.55 3.03
C VAL A 631 -26.91 -6.97 2.23
N LYS A 632 -28.10 -6.89 2.81
CA LYS A 632 -29.29 -6.36 2.10
C LYS A 632 -29.16 -4.83 1.98
N LYS A 633 -28.69 -4.17 3.03
CA LYS A 633 -28.39 -2.71 2.99
C LYS A 633 -27.58 -2.41 1.72
N TYR A 634 -26.48 -3.16 1.50
CA TYR A 634 -25.55 -2.93 0.35
C TYR A 634 -26.26 -3.21 -0.98
N ALA A 635 -26.98 -4.34 -1.07
CA ALA A 635 -27.82 -4.74 -2.23
C ALA A 635 -28.76 -3.60 -2.63
N SER A 636 -29.43 -2.98 -1.65
CA SER A 636 -30.42 -1.88 -1.85
C SER A 636 -29.74 -0.60 -2.36
N GLU A 637 -28.54 -0.29 -1.87
CA GLU A 637 -27.80 0.97 -2.19
C GLU A 637 -27.04 0.80 -3.50
N ARG A 638 -26.57 -0.41 -3.78
CA ARG A 638 -25.65 -0.70 -4.91
C ARG A 638 -26.39 -1.41 -6.03
N ASN A 639 -27.73 -1.48 -5.93
CA ASN A 639 -28.61 -2.10 -6.96
C ASN A 639 -28.21 -3.56 -7.14
N GLY A 640 -28.18 -4.31 -6.04
CA GLY A 640 -27.80 -5.73 -6.00
C GLY A 640 -26.31 -5.85 -5.77
N VAL A 641 -25.87 -6.91 -5.10
CA VAL A 641 -24.43 -7.21 -4.90
C VAL A 641 -24.22 -8.72 -5.07
N ASN A 642 -23.05 -9.08 -5.57
CA ASN A 642 -22.47 -10.44 -5.51
C ASN A 642 -21.54 -10.47 -4.29
N VAL A 643 -21.69 -11.46 -3.44
CA VAL A 643 -20.86 -11.69 -2.22
C VAL A 643 -20.07 -12.99 -2.48
N ILE A 644 -18.75 -12.96 -2.32
CA ILE A 644 -17.89 -14.15 -2.07
C ILE A 644 -17.37 -14.05 -0.64
N SER A 645 -17.77 -14.97 0.24
CA SER A 645 -17.27 -15.06 1.64
C SER A 645 -16.52 -16.38 1.84
N GLY A 646 -15.62 -16.43 2.82
CA GLY A 646 -14.82 -17.64 3.11
C GLY A 646 -13.82 -17.45 4.24
N PRO A 647 -13.09 -18.51 4.61
CA PRO A 647 -12.16 -18.47 5.73
C PRO A 647 -10.75 -18.08 5.32
N ILE A 648 -9.98 -17.50 6.23
CA ILE A 648 -8.52 -17.27 6.06
C ILE A 648 -7.78 -17.90 7.25
N PHE A 649 -6.70 -18.59 6.94
CA PHE A 649 -5.72 -19.12 7.93
C PHE A 649 -4.38 -18.40 7.71
N ASP A 650 -3.95 -17.61 8.69
CA ASP A 650 -2.62 -16.96 8.70
C ASP A 650 -2.08 -16.89 10.13
N TYR A 651 -1.74 -18.04 10.72
CA TYR A 651 -1.24 -18.18 12.11
C TYR A 651 0.17 -17.57 12.23
N ASN A 652 0.97 -17.65 11.16
CA ASN A 652 2.38 -17.15 11.14
C ASN A 652 2.39 -15.69 10.63
N TYR A 653 1.22 -15.09 10.44
CA TYR A 653 1.00 -13.64 10.20
C TYR A 653 1.95 -13.07 9.12
N ASP A 654 2.20 -13.81 8.04
CA ASP A 654 3.09 -13.41 6.91
C ASP A 654 2.26 -12.84 5.76
N GLY A 655 0.94 -12.81 5.90
CA GLY A 655 0.00 -12.31 4.88
C GLY A 655 -0.26 -13.33 3.79
N LEU A 656 0.17 -14.58 4.00
CA LEU A 656 0.11 -15.67 3.00
C LEU A 656 -0.75 -16.81 3.50
N ARG A 657 -1.43 -17.48 2.57
CA ARG A 657 -2.21 -18.73 2.78
C ARG A 657 -1.36 -19.72 3.58
N ASP A 658 -1.82 -20.09 4.77
CA ASP A 658 -1.14 -21.12 5.60
C ASP A 658 -1.17 -22.48 4.90
N THR A 659 -0.12 -23.27 5.14
CA THR A 659 -0.11 -24.73 4.87
C THR A 659 -0.83 -25.43 6.03
N GLU A 660 -1.07 -26.72 5.90
CA GLU A 660 -1.72 -27.55 6.94
C GLU A 660 -0.87 -27.51 8.22
N ASP A 661 0.46 -27.66 8.05
CA ASP A 661 1.44 -27.69 9.17
C ASP A 661 1.37 -26.38 9.97
N GLU A 662 1.00 -25.26 9.33
CA GLU A 662 1.10 -23.90 9.93
C GLU A 662 -0.15 -23.57 10.75
N ILE A 663 -1.20 -24.40 10.70
CA ILE A 663 -2.48 -24.23 11.47
C ILE A 663 -2.26 -24.76 12.89
N LYS A 664 -2.57 -23.95 13.91
CA LYS A 664 -2.19 -24.21 15.33
C LYS A 664 -3.41 -24.43 16.21
N GLN A 665 -4.63 -24.11 15.74
CA GLN A 665 -5.86 -24.23 16.54
C GLN A 665 -6.94 -24.94 15.72
N TYR A 666 -7.51 -25.99 16.31
CA TYR A 666 -8.64 -26.78 15.75
C TYR A 666 -9.80 -26.74 16.75
N VAL A 667 -11.00 -27.06 16.29
CA VAL A 667 -12.15 -27.30 17.20
C VAL A 667 -11.80 -28.50 18.09
N GLU A 668 -12.09 -28.40 19.39
CA GLU A 668 -11.83 -29.42 20.44
C GLU A 668 -12.01 -30.86 19.90
N GLY A 669 -10.97 -31.67 20.00
CA GLY A 669 -10.98 -33.13 19.72
C GLY A 669 -11.37 -33.44 18.29
N SER A 670 -10.99 -32.58 17.35
CA SER A 670 -11.25 -32.74 15.91
C SER A 670 -10.07 -32.25 15.09
N SER A 671 -10.17 -32.37 13.77
CA SER A 671 -9.21 -31.83 12.77
C SER A 671 -9.90 -30.68 12.02
N ILE A 672 -10.92 -30.07 12.60
CA ILE A 672 -11.56 -28.86 12.01
C ILE A 672 -10.65 -27.68 12.32
N PRO A 673 -9.99 -27.06 11.33
CA PRO A 673 -9.06 -25.95 11.58
C PRO A 673 -9.83 -24.67 11.89
N VAL A 674 -9.27 -23.81 12.75
CA VAL A 674 -9.92 -22.53 13.17
C VAL A 674 -9.33 -21.41 12.34
N PRO A 675 -10.12 -20.78 11.44
CA PRO A 675 -9.64 -19.61 10.71
C PRO A 675 -9.11 -18.50 11.64
N THR A 676 -8.14 -17.72 11.16
CA THR A 676 -7.61 -16.52 11.86
C THR A 676 -8.48 -15.31 11.46
N HIS A 677 -9.14 -15.39 10.32
CA HIS A 677 -9.91 -14.28 9.71
C HIS A 677 -11.01 -14.88 8.82
N TYR A 678 -12.07 -14.12 8.61
CA TYR A 678 -13.11 -14.37 7.59
C TYR A 678 -13.15 -13.17 6.65
N TYR A 679 -13.21 -13.43 5.34
CA TYR A 679 -13.26 -12.38 4.29
C TYR A 679 -14.65 -12.29 3.67
N SER A 680 -14.91 -11.20 2.98
CA SER A 680 -16.02 -11.09 2.02
C SER A 680 -15.59 -10.12 0.92
N ILE A 681 -15.90 -10.47 -0.33
CA ILE A 681 -15.81 -9.58 -1.50
C ILE A 681 -17.24 -9.30 -1.97
N ILE A 682 -17.62 -8.01 -1.96
CA ILE A 682 -18.94 -7.49 -2.36
C ILE A 682 -18.76 -6.71 -3.67
N THR A 683 -19.27 -7.25 -4.78
CA THR A 683 -19.07 -6.69 -6.14
C THR A 683 -20.43 -6.28 -6.68
N SER A 684 -20.46 -5.19 -7.44
CA SER A 684 -21.66 -4.61 -8.09
C SER A 684 -21.21 -3.76 -9.27
N CYS A 685 -22.16 -3.18 -10.00
CA CYS A 685 -21.88 -2.36 -11.21
C CYS A 685 -21.47 -0.95 -10.77
N LEU A 686 -20.41 -0.40 -11.37
CA LEU A 686 -19.93 0.98 -11.06
C LEU A 686 -21.06 1.94 -11.41
N ASP A 687 -21.73 1.72 -12.55
CA ASP A 687 -23.03 2.35 -12.86
C ASP A 687 -24.13 1.67 -12.02
N PHE A 688 -24.51 2.29 -10.91
CA PHE A 688 -25.47 1.74 -9.91
C PHE A 688 -26.91 1.82 -10.46
N THR A 689 -27.12 2.32 -11.67
CA THR A 689 -28.46 2.29 -12.32
C THR A 689 -28.67 0.90 -12.94
N GLN A 690 -27.59 0.14 -13.16
CA GLN A 690 -27.65 -1.24 -13.72
C GLN A 690 -27.58 -2.24 -12.58
N PRO A 691 -28.45 -3.28 -12.59
CA PRO A 691 -28.37 -4.34 -11.59
C PRO A 691 -27.06 -5.12 -11.70
N ALA A 692 -26.60 -5.68 -10.58
CA ALA A 692 -25.30 -6.37 -10.45
C ALA A 692 -25.21 -7.56 -11.42
N ASP A 693 -26.32 -8.30 -11.59
CA ASP A 693 -26.36 -9.53 -12.42
C ASP A 693 -26.40 -9.18 -13.92
N LYS A 694 -26.71 -7.92 -14.28
CA LYS A 694 -26.72 -7.46 -15.71
C LYS A 694 -25.92 -6.17 -15.83
N CYS A 695 -24.64 -6.20 -15.46
CA CYS A 695 -23.70 -5.05 -15.57
C CYS A 695 -22.95 -5.17 -16.90
N ASP A 696 -22.97 -4.09 -17.71
CA ASP A 696 -22.43 -4.07 -19.10
C ASP A 696 -21.11 -3.31 -19.15
N GLY A 697 -20.61 -2.82 -18.01
CA GLY A 697 -19.40 -1.98 -17.91
C GLY A 697 -18.54 -2.36 -16.71
N PRO A 698 -17.71 -1.43 -16.19
CA PRO A 698 -16.85 -1.69 -15.03
C PRO A 698 -17.60 -2.08 -13.74
N LEU A 699 -16.91 -2.79 -12.86
CA LEU A 699 -17.42 -3.27 -11.56
C LEU A 699 -16.99 -2.31 -10.44
N SER A 700 -17.79 -2.20 -9.39
CA SER A 700 -17.49 -1.52 -8.11
C SER A 700 -17.34 -2.59 -7.04
N VAL A 701 -16.30 -2.51 -6.22
CA VAL A 701 -15.99 -3.59 -5.24
C VAL A 701 -15.68 -2.94 -3.88
N SER A 702 -16.03 -3.64 -2.82
CA SER A 702 -15.55 -3.41 -1.44
C SER A 702 -15.33 -4.77 -0.78
N SER A 703 -14.31 -4.87 0.06
CA SER A 703 -13.96 -6.16 0.71
C SER A 703 -13.51 -5.90 2.15
N PHE A 704 -13.51 -6.94 2.97
CA PHE A 704 -12.92 -6.91 4.32
C PHE A 704 -12.30 -8.26 4.65
N ILE A 705 -11.45 -8.24 5.69
CA ILE A 705 -10.77 -9.41 6.31
C ILE A 705 -10.94 -9.22 7.82
N LEU A 706 -12.11 -9.61 8.30
CA LEU A 706 -12.46 -9.44 9.73
C LEU A 706 -11.64 -10.45 10.53
N PRO A 707 -11.01 -10.01 11.65
CA PRO A 707 -10.28 -10.92 12.52
C PRO A 707 -11.25 -11.81 13.31
N HIS A 708 -10.91 -13.09 13.40
CA HIS A 708 -11.68 -14.14 14.10
C HIS A 708 -11.24 -14.19 15.57
N ARG A 709 -11.78 -13.29 16.39
CA ARG A 709 -11.28 -13.05 17.78
C ARG A 709 -12.28 -13.61 18.78
N PRO A 710 -11.82 -14.17 19.93
CA PRO A 710 -12.73 -14.71 20.95
C PRO A 710 -13.42 -13.61 21.77
N ASP A 711 -13.06 -12.34 21.54
CA ASP A 711 -13.65 -11.17 22.24
C ASP A 711 -13.78 -9.99 21.26
N ASN A 712 -14.52 -8.96 21.67
CA ASN A 712 -14.71 -7.69 20.92
C ASN A 712 -13.94 -6.56 21.61
N ASP A 713 -12.81 -6.87 22.26
CA ASP A 713 -11.99 -5.90 23.01
C ASP A 713 -11.51 -4.77 22.08
N GLU A 714 -11.27 -5.10 20.80
CA GLU A 714 -10.90 -4.14 19.73
C GLU A 714 -11.93 -2.99 19.66
N SER A 715 -13.21 -3.30 19.87
CA SER A 715 -14.36 -2.36 19.77
C SER A 715 -14.81 -1.93 21.17
N CYS A 716 -14.40 -0.73 21.57
CA CYS A 716 -14.64 -0.16 22.93
C CYS A 716 -16.13 0.11 23.13
N ASN A 717 -16.92 0.08 22.05
CA ASN A 717 -18.36 0.40 22.03
C ASN A 717 -19.18 -0.91 21.96
N SER A 718 -18.54 -2.08 22.13
CA SER A 718 -19.11 -3.43 21.82
C SER A 718 -20.15 -3.84 22.87
N SER A 719 -20.26 -3.12 23.98
CA SER A 719 -21.30 -3.32 25.01
C SER A 719 -22.65 -2.80 24.49
N GLU A 720 -22.62 -1.79 23.59
CA GLU A 720 -23.82 -1.24 22.92
C GLU A 720 -24.30 -2.20 21.81
N ASP A 721 -25.40 -1.83 21.15
CA ASP A 721 -26.02 -2.60 20.04
C ASP A 721 -25.05 -2.61 18.86
N GLU A 722 -25.10 -3.65 18.01
CA GLU A 722 -24.21 -3.83 16.83
C GLU A 722 -24.34 -2.65 15.84
N SER A 723 -25.45 -1.90 15.86
CA SER A 723 -25.71 -0.72 14.98
C SER A 723 -24.79 0.46 15.35
N LYS A 724 -24.08 0.37 16.48
CA LYS A 724 -23.17 1.44 17.00
C LYS A 724 -21.73 1.18 16.57
N TRP A 725 -21.26 -0.08 16.53
CA TRP A 725 -19.82 -0.44 16.55
C TRP A 725 -19.40 -1.39 15.41
N VAL A 726 -20.33 -2.14 14.80
CA VAL A 726 -19.92 -3.25 13.88
C VAL A 726 -19.38 -2.66 12.58
N GLU A 727 -20.06 -1.66 12.01
CA GLU A 727 -19.66 -1.01 10.74
C GLU A 727 -18.29 -0.35 10.92
N GLU A 728 -18.04 0.26 12.08
CA GLU A 728 -16.74 0.92 12.38
C GLU A 728 -15.63 -0.14 12.32
N LEU A 729 -15.84 -1.31 12.93
CA LEU A 729 -14.83 -2.41 12.95
C LEU A 729 -14.56 -2.88 11.52
N MET A 730 -15.60 -3.00 10.70
CA MET A 730 -15.50 -3.44 9.29
C MET A 730 -14.72 -2.43 8.47
N LYS A 731 -14.99 -1.13 8.69
CA LYS A 731 -14.32 0.00 7.99
C LYS A 731 -12.82 -0.08 8.25
N MET A 732 -12.44 -0.33 9.50
CA MET A 732 -11.03 -0.48 9.96
C MET A 732 -10.39 -1.70 9.29
N HIS A 733 -11.17 -2.75 8.98
CA HIS A 733 -10.67 -4.04 8.46
C HIS A 733 -10.98 -4.22 6.97
N THR A 734 -11.33 -3.13 6.29
CA THR A 734 -11.45 -3.10 4.82
C THR A 734 -10.16 -3.69 4.21
N ALA A 735 -10.24 -4.19 2.98
CA ALA A 735 -9.09 -4.82 2.30
C ALA A 735 -9.29 -4.79 0.80
N ARG A 736 -8.26 -5.19 0.08
CA ARG A 736 -8.27 -5.37 -1.39
C ARG A 736 -8.49 -6.85 -1.67
N VAL A 737 -9.18 -7.17 -2.76
CA VAL A 737 -9.32 -8.57 -3.24
C VAL A 737 -7.92 -9.19 -3.29
N ARG A 738 -6.92 -8.41 -3.72
CA ARG A 738 -5.51 -8.87 -3.86
C ARG A 738 -4.99 -9.41 -2.50
N ASP A 739 -5.32 -8.75 -1.38
CA ASP A 739 -4.93 -9.18 -0.01
C ASP A 739 -5.52 -10.58 0.28
N ILE A 740 -6.79 -10.78 -0.06
CA ILE A 740 -7.55 -12.05 0.16
C ILE A 740 -6.94 -13.15 -0.71
N GLU A 741 -6.59 -12.82 -1.96
CA GLU A 741 -5.94 -13.74 -2.92
C GLU A 741 -4.65 -14.25 -2.28
N HIS A 742 -3.85 -13.37 -1.68
CA HIS A 742 -2.55 -13.76 -1.07
C HIS A 742 -2.82 -14.71 0.09
N LEU A 743 -3.88 -14.41 0.84
CA LEU A 743 -4.20 -15.11 2.11
C LEU A 743 -4.94 -16.42 1.84
N THR A 744 -5.58 -16.58 0.67
CA THR A 744 -6.43 -17.77 0.37
C THR A 744 -5.82 -18.67 -0.71
N GLY A 745 -4.89 -18.16 -1.52
CA GLY A 745 -4.37 -18.89 -2.69
C GLY A 745 -5.45 -19.05 -3.76
N LEU A 746 -6.47 -18.18 -3.76
CA LEU A 746 -7.56 -18.14 -4.78
C LEU A 746 -7.32 -16.98 -5.76
N ASP A 747 -8.02 -16.99 -6.88
CA ASP A 747 -7.98 -15.96 -7.96
C ASP A 747 -9.42 -15.67 -8.40
N PHE A 748 -9.84 -14.41 -8.29
CA PHE A 748 -11.24 -13.97 -8.57
C PHE A 748 -11.32 -13.24 -9.91
N TYR A 749 -12.56 -13.05 -10.38
CA TYR A 749 -12.93 -12.31 -11.60
C TYR A 749 -12.22 -12.92 -12.81
N ARG A 750 -12.35 -14.23 -12.96
CA ARG A 750 -11.70 -15.04 -14.02
C ARG A 750 -12.47 -14.87 -15.34
N LYS A 751 -13.77 -14.57 -15.25
CA LYS A 751 -14.70 -14.51 -16.40
C LYS A 751 -15.51 -13.22 -16.33
N THR A 752 -14.98 -12.14 -16.89
CA THR A 752 -15.67 -10.83 -17.02
C THR A 752 -15.65 -10.40 -18.50
N SER A 753 -16.37 -9.32 -18.82
CA SER A 753 -16.34 -8.65 -20.15
C SER A 753 -15.25 -7.57 -20.15
N ARG A 754 -14.54 -7.41 -19.03
CA ARG A 754 -13.53 -6.33 -18.80
C ARG A 754 -12.11 -6.85 -19.09
N SER A 755 -11.22 -5.97 -19.55
CA SER A 755 -9.77 -6.29 -19.77
C SER A 755 -9.17 -6.75 -18.43
N TYR A 756 -8.20 -7.67 -18.47
CA TYR A 756 -7.54 -8.28 -17.29
C TYR A 756 -6.77 -7.20 -16.52
N SER A 757 -6.22 -6.22 -17.22
CA SER A 757 -5.56 -5.02 -16.61
C SER A 757 -6.56 -4.23 -15.77
N GLU A 758 -7.76 -4.02 -16.30
CA GLU A 758 -8.81 -3.27 -15.57
C GLU A 758 -9.23 -4.10 -14.35
N ILE A 759 -9.26 -5.43 -14.46
CA ILE A 759 -9.57 -6.37 -13.35
C ILE A 759 -8.46 -6.28 -12.28
N LEU A 760 -7.18 -6.16 -12.69
CA LEU A 760 -6.05 -6.01 -11.72
C LEU A 760 -6.27 -4.72 -10.92
N THR A 761 -6.69 -3.64 -11.57
CA THR A 761 -7.02 -2.35 -10.93
C THR A 761 -8.15 -2.58 -9.92
N LEU A 762 -9.16 -3.38 -10.27
CA LEU A 762 -10.29 -3.69 -9.37
C LEU A 762 -9.77 -4.50 -8.16
N LYS A 763 -8.81 -5.38 -8.37
CA LYS A 763 -8.26 -6.24 -7.29
C LYS A 763 -7.37 -5.42 -6.34
N THR A 764 -6.80 -4.29 -6.79
CA THR A 764 -5.90 -3.42 -5.97
C THR A 764 -6.75 -2.36 -5.26
N TYR A 765 -8.03 -2.24 -5.60
CA TYR A 765 -8.85 -1.14 -5.05
C TYR A 765 -9.07 -1.44 -3.57
N LEU A 766 -8.91 -0.41 -2.75
CA LEU A 766 -9.31 -0.41 -1.32
C LEU A 766 -10.44 0.59 -1.13
N HIS A 767 -11.62 0.12 -0.75
CA HIS A 767 -12.75 0.98 -0.32
C HIS A 767 -12.37 1.56 1.04
N THR A 768 -12.17 2.87 1.09
CA THR A 768 -11.99 3.63 2.35
C THR A 768 -13.30 4.39 2.56
N TYR A 769 -13.57 4.78 3.80
CA TYR A 769 -14.85 5.39 4.19
C TYR A 769 -14.55 6.79 4.74
N GLU A 770 -13.50 7.40 4.20
CA GLU A 770 -12.91 8.65 4.71
C GLU A 770 -13.67 9.84 4.11
#